data_5XEK
#
_entry.id   5XEK
#
loop_
_entity.id
_entity.type
_entity.pdbx_description
1 polymer 'RING finger protein 141'
2 non-polymer 'ZINC ION'
#
_entity_poly.entity_id   1
_entity_poly.type   'polypeptide(L)'
_entity_poly.pdbx_seq_one_letter_code
;EEECCICMDGRADLILPCAHSFCQKCIDKWSDRHRNCPICRL
;
_entity_poly.pdbx_strand_id   A
#
# COMPACT_ATOMS: atom_id res chain seq x y z
N GLU A 1 11.18 3.99 -2.88
CA GLU A 1 9.91 4.70 -2.72
C GLU A 1 9.30 4.41 -1.35
N GLU A 2 8.84 5.47 -0.68
CA GLU A 2 8.24 5.33 0.64
C GLU A 2 6.90 6.07 0.71
N GLU A 3 6.39 6.23 1.92
CA GLU A 3 5.12 6.92 2.13
C GLU A 3 3.98 6.20 1.41
N CYS A 4 2.78 6.30 1.96
CA CYS A 4 1.61 5.66 1.38
C CYS A 4 1.36 6.16 -0.05
N CYS A 5 0.97 5.26 -0.93
CA CYS A 5 0.70 5.61 -2.32
C CYS A 5 -0.80 5.79 -2.54
N ILE A 6 -1.51 6.15 -1.48
CA ILE A 6 -2.96 6.35 -1.57
C ILE A 6 -3.40 7.54 -0.73
N CYS A 7 -3.31 7.38 0.59
CA CYS A 7 -3.69 8.45 1.51
C CYS A 7 -2.47 9.20 2.01
N MET A 8 -1.30 8.81 1.52
CA MET A 8 -0.05 9.45 1.93
C MET A 8 -0.03 9.72 3.43
N ASP A 9 -0.39 8.69 4.21
CA ASP A 9 -0.42 8.82 5.66
C ASP A 9 0.81 9.57 6.16
N GLY A 10 1.91 9.48 5.42
CA GLY A 10 3.13 10.16 5.80
C GLY A 10 4.35 9.28 5.70
N ARG A 11 4.14 7.97 5.79
CA ARG A 11 5.23 7.00 5.71
C ARG A 11 4.73 5.65 5.19
N ALA A 12 5.63 4.91 4.56
CA ALA A 12 5.28 3.59 4.02
C ALA A 12 5.67 2.48 4.99
N ASP A 13 4.67 1.81 5.54
CA ASP A 13 4.92 0.72 6.48
C ASP A 13 5.17 -0.59 5.75
N LEU A 14 4.80 -0.62 4.47
CA LEU A 14 4.99 -1.81 3.65
C LEU A 14 5.23 -1.43 2.19
N ILE A 15 6.51 -1.37 1.81
CA ILE A 15 6.87 -1.03 0.44
C ILE A 15 6.92 -2.27 -0.45
N LEU A 16 5.81 -2.56 -1.11
CA LEU A 16 5.72 -3.72 -1.98
C LEU A 16 6.87 -3.73 -2.99
N PRO A 17 7.16 -4.92 -3.53
CA PRO A 17 8.23 -5.09 -4.51
C PRO A 17 7.91 -4.46 -5.86
N CYS A 18 6.74 -3.81 -5.93
CA CYS A 18 6.31 -3.15 -7.16
C CYS A 18 6.42 -1.64 -7.03
N ALA A 19 6.92 -1.18 -5.88
CA ALA A 19 7.09 0.25 -5.65
C ALA A 19 5.78 0.88 -5.17
N HIS A 20 4.79 0.05 -4.89
CA HIS A 20 3.50 0.53 -4.43
C HIS A 20 3.35 0.34 -2.93
N SER A 21 3.66 1.40 -2.17
CA SER A 21 3.57 1.35 -0.72
C SER A 21 2.13 1.54 -0.25
N PHE A 22 1.86 1.15 0.98
CA PHE A 22 0.52 1.28 1.54
C PHE A 22 0.55 1.21 3.07
N CYS A 23 0.37 2.36 3.71
CA CYS A 23 0.39 2.44 5.17
C CYS A 23 -0.49 1.36 5.78
N GLN A 24 -0.25 1.05 7.05
CA GLN A 24 -1.02 0.03 7.75
C GLN A 24 -2.52 0.35 7.67
N LYS A 25 -2.89 1.55 8.09
CA LYS A 25 -4.29 1.96 8.08
C LYS A 25 -5.00 1.43 6.84
N CYS A 26 -4.55 1.88 5.66
CA CYS A 26 -5.13 1.44 4.40
C CYS A 26 -5.05 -0.08 4.25
N ILE A 27 -3.89 -0.63 4.56
CA ILE A 27 -3.68 -2.07 4.47
C ILE A 27 -4.63 -2.83 5.37
N ASP A 28 -5.18 -2.13 6.36
CA ASP A 28 -6.12 -2.74 7.30
C ASP A 28 -7.55 -2.54 6.84
N LYS A 29 -7.72 -1.84 5.71
CA LYS A 29 -9.04 -1.57 5.16
C LYS A 29 -9.25 -2.36 3.87
N TRP A 30 -8.15 -2.74 3.23
CA TRP A 30 -8.22 -3.48 1.98
C TRP A 30 -7.95 -4.97 2.21
N SER A 31 -8.62 -5.82 1.45
CA SER A 31 -8.46 -7.26 1.58
C SER A 31 -7.04 -7.68 1.19
N ASP A 32 -6.58 -7.19 0.05
CA ASP A 32 -5.23 -7.50 -0.43
C ASP A 32 -5.10 -9.00 -0.68
N ARG A 33 -5.09 -9.39 -1.95
CA ARG A 33 -4.97 -10.79 -2.33
C ARG A 33 -3.95 -10.96 -3.46
N HIS A 34 -3.19 -12.05 -3.40
CA HIS A 34 -2.18 -12.34 -4.41
C HIS A 34 -0.94 -11.47 -4.20
N ARG A 35 -0.73 -11.03 -2.97
CA ARG A 35 0.41 -10.18 -2.64
C ARG A 35 0.67 -9.17 -3.75
N ASN A 36 -0.39 -8.74 -4.42
CA ASN A 36 -0.26 -7.78 -5.51
C ASN A 36 -0.74 -6.39 -5.07
N CYS A 37 -0.81 -5.47 -6.02
CA CYS A 37 -1.25 -4.11 -5.73
C CYS A 37 -2.57 -3.80 -6.45
N PRO A 38 -3.43 -3.02 -5.78
CA PRO A 38 -4.73 -2.63 -6.33
C PRO A 38 -4.60 -1.66 -7.51
N ILE A 39 -3.49 -0.93 -7.55
CA ILE A 39 -3.25 0.03 -8.61
C ILE A 39 -2.76 -0.68 -9.88
N CYS A 40 -2.30 -1.90 -9.73
CA CYS A 40 -1.81 -2.68 -10.87
C CYS A 40 -2.87 -3.68 -11.33
N ARG A 41 -3.33 -4.52 -10.41
CA ARG A 41 -4.35 -5.51 -10.74
C ARG A 41 -5.48 -4.90 -11.55
N LEU A 42 -5.74 -3.61 -11.33
CA LEU A 42 -6.79 -2.90 -12.04
C LEU A 42 -6.25 -2.24 -13.30
N GLU A 1 13.43 7.04 2.51
CA GLU A 1 12.10 6.78 3.05
C GLU A 1 11.02 7.15 2.05
N GLU A 2 9.86 6.51 2.17
CA GLU A 2 8.74 6.76 1.27
C GLU A 2 7.43 6.91 2.04
N GLU A 3 6.38 7.30 1.33
CA GLU A 3 5.06 7.47 1.96
C GLU A 3 4.00 6.72 1.17
N CYS A 4 2.94 6.30 1.87
CA CYS A 4 1.85 5.58 1.23
C CYS A 4 1.42 6.26 -0.06
N CYS A 5 0.84 5.48 -0.97
CA CYS A 5 0.39 6.01 -2.26
C CYS A 5 -1.11 6.29 -2.22
N ILE A 6 -1.88 5.37 -1.65
CA ILE A 6 -3.32 5.53 -1.56
C ILE A 6 -3.69 6.66 -0.61
N CYS A 7 -3.22 6.56 0.63
CA CYS A 7 -3.51 7.58 1.63
C CYS A 7 -2.63 8.81 1.42
N MET A 8 -1.40 8.58 0.99
CA MET A 8 -0.46 9.67 0.74
C MET A 8 -0.60 10.76 1.80
N ASP A 9 -0.71 10.35 3.05
CA ASP A 9 -0.86 11.29 4.16
C ASP A 9 0.15 11.00 5.27
N GLY A 10 0.26 9.73 5.64
CA GLY A 10 1.20 9.34 6.67
C GLY A 10 2.58 9.02 6.13
N ARG A 11 2.87 7.73 6.01
CA ARG A 11 4.17 7.28 5.50
C ARG A 11 4.08 5.88 4.92
N ALA A 12 5.21 5.32 4.53
CA ALA A 12 5.26 3.98 3.97
C ALA A 12 5.93 3.01 4.92
N ASP A 13 5.16 2.07 5.45
CA ASP A 13 5.68 1.06 6.38
C ASP A 13 5.88 -0.27 5.67
N LEU A 14 5.31 -0.41 4.48
CA LEU A 14 5.44 -1.64 3.71
C LEU A 14 5.47 -1.34 2.22
N ILE A 15 6.58 -1.71 1.57
CA ILE A 15 6.73 -1.49 0.13
C ILE A 15 6.59 -2.79 -0.65
N LEU A 16 5.41 -3.01 -1.21
CA LEU A 16 5.14 -4.22 -1.98
C LEU A 16 6.27 -4.50 -2.96
N PRO A 17 6.36 -5.76 -3.42
CA PRO A 17 7.40 -6.18 -4.37
C PRO A 17 7.19 -5.59 -5.76
N CYS A 18 6.16 -4.75 -5.89
CA CYS A 18 5.86 -4.12 -7.17
C CYS A 18 6.30 -2.65 -7.17
N ALA A 19 6.86 -2.21 -6.04
CA ALA A 19 7.32 -0.83 -5.92
C ALA A 19 6.18 0.10 -5.55
N HIS A 20 5.40 -0.30 -4.56
CA HIS A 20 4.26 0.51 -4.11
C HIS A 20 4.08 0.39 -2.60
N SER A 21 4.14 1.52 -1.91
CA SER A 21 3.98 1.54 -0.46
C SER A 21 2.51 1.50 -0.07
N PHE A 22 2.22 0.98 1.12
CA PHE A 22 0.86 0.89 1.60
C PHE A 22 0.83 0.79 3.12
N CYS A 23 0.77 1.94 3.79
CA CYS A 23 0.74 1.98 5.25
C CYS A 23 -0.25 0.97 5.80
N GLN A 24 0.12 0.33 6.91
CA GLN A 24 -0.75 -0.68 7.53
C GLN A 24 -2.20 -0.20 7.57
N LYS A 25 -2.38 1.08 7.94
CA LYS A 25 -3.71 1.66 8.02
C LYS A 25 -4.61 1.12 6.91
N CYS A 26 -4.26 1.42 5.67
CA CYS A 26 -5.04 0.95 4.52
C CYS A 26 -4.90 -0.56 4.34
N ILE A 27 -3.67 -1.05 4.47
CA ILE A 27 -3.40 -2.48 4.32
C ILE A 27 -4.28 -3.30 5.26
N ASP A 28 -4.81 -2.65 6.30
CA ASP A 28 -5.67 -3.31 7.27
C ASP A 28 -7.13 -2.96 7.03
N LYS A 29 -7.38 -1.74 6.60
CA LYS A 29 -8.73 -1.27 6.33
C LYS A 29 -9.37 -2.07 5.20
N TRP A 30 -8.59 -2.32 4.15
CA TRP A 30 -9.08 -3.07 3.00
C TRP A 30 -9.32 -4.53 3.38
N SER A 31 -10.00 -5.26 2.49
CA SER A 31 -10.31 -6.67 2.73
C SER A 31 -9.71 -7.54 1.63
N ASP A 32 -8.67 -7.04 0.98
CA ASP A 32 -8.02 -7.77 -0.10
C ASP A 32 -6.50 -7.60 -0.04
N ARG A 33 -5.80 -8.68 0.28
CA ARG A 33 -4.34 -8.66 0.38
C ARG A 33 -3.73 -9.88 -0.28
N HIS A 34 -2.54 -9.70 -0.86
CA HIS A 34 -1.84 -10.79 -1.52
C HIS A 34 -0.44 -10.37 -1.93
N ARG A 35 -0.30 -9.91 -3.17
CA ARG A 35 1.00 -9.47 -3.68
C ARG A 35 0.85 -8.86 -5.08
N ASN A 36 -0.30 -8.24 -5.33
CA ASN A 36 -0.56 -7.62 -6.62
C ASN A 36 -0.78 -6.12 -6.47
N CYS A 37 -1.49 -5.74 -5.42
CA CYS A 37 -1.77 -4.33 -5.15
C CYS A 37 -2.74 -3.77 -6.19
N PRO A 38 -3.59 -2.83 -5.75
CA PRO A 38 -4.59 -2.19 -6.62
C PRO A 38 -3.95 -1.27 -7.65
N ILE A 39 -3.04 -0.42 -7.19
CA ILE A 39 -2.36 0.52 -8.09
C ILE A 39 -2.12 -0.10 -9.45
N CYS A 40 -1.09 -0.94 -9.55
CA CYS A 40 -0.76 -1.61 -10.80
C CYS A 40 -2.01 -2.07 -11.52
N ARG A 41 -2.81 -2.89 -10.83
CA ARG A 41 -4.05 -3.41 -11.41
C ARG A 41 -4.81 -2.31 -12.15
N LEU A 42 -4.73 -1.09 -11.63
CA LEU A 42 -5.41 0.05 -12.23
C LEU A 42 -6.83 -0.33 -12.64
N GLU A 1 12.42 4.51 3.42
CA GLU A 1 11.43 5.39 4.01
C GLU A 1 10.66 6.14 2.93
N GLU A 2 9.43 5.71 2.68
CA GLU A 2 8.58 6.35 1.68
C GLU A 2 7.25 6.78 2.28
N GLU A 3 6.27 7.06 1.41
CA GLU A 3 4.95 7.48 1.86
C GLU A 3 3.87 6.72 1.10
N CYS A 4 2.84 6.27 1.83
CA CYS A 4 1.74 5.54 1.23
C CYS A 4 1.43 6.07 -0.16
N CYS A 5 1.00 5.18 -1.05
CA CYS A 5 0.66 5.55 -2.41
C CYS A 5 -0.86 5.59 -2.61
N ILE A 6 -1.59 5.67 -1.51
CA ILE A 6 -3.04 5.70 -1.57
C ILE A 6 -3.60 6.94 -0.86
N CYS A 7 -3.40 7.00 0.44
CA CYS A 7 -3.87 8.13 1.24
C CYS A 7 -2.89 9.30 1.16
N MET A 8 -1.68 9.01 0.69
CA MET A 8 -0.65 10.04 0.57
C MET A 8 -0.56 10.87 1.85
N ASP A 9 -1.00 10.29 2.96
CA ASP A 9 -0.96 10.97 4.25
C ASP A 9 -0.31 10.10 5.30
N GLY A 10 0.87 9.57 4.99
CA GLY A 10 1.59 8.72 5.92
C GLY A 10 2.78 8.05 5.29
N ARG A 11 3.71 7.58 6.13
CA ARG A 11 4.91 6.92 5.65
C ARG A 11 4.55 5.58 4.99
N ALA A 12 5.59 4.85 4.57
CA ALA A 12 5.39 3.56 3.92
C ALA A 12 5.94 2.42 4.78
N ASP A 13 5.13 1.95 5.72
CA ASP A 13 5.55 0.87 6.61
C ASP A 13 5.68 -0.44 5.84
N LEU A 14 5.02 -0.51 4.68
CA LEU A 14 5.07 -1.71 3.85
C LEU A 14 5.41 -1.36 2.40
N ILE A 15 6.59 -1.76 1.97
CA ILE A 15 7.04 -1.49 0.60
C ILE A 15 7.03 -2.76 -0.24
N LEU A 16 5.89 -3.04 -0.87
CA LEU A 16 5.76 -4.22 -1.71
C LEU A 16 6.89 -4.30 -2.74
N PRO A 17 7.14 -5.50 -3.26
CA PRO A 17 8.19 -5.74 -4.26
C PRO A 17 7.84 -5.11 -5.61
N CYS A 18 6.70 -4.44 -5.68
CA CYS A 18 6.26 -3.80 -6.91
C CYS A 18 6.51 -2.30 -6.86
N ALA A 19 7.01 -1.83 -5.72
CA ALA A 19 7.28 -0.41 -5.54
C ALA A 19 6.02 0.36 -5.17
N HIS A 20 5.03 -0.35 -4.64
CA HIS A 20 3.78 0.27 -4.25
C HIS A 20 3.58 0.19 -2.74
N SER A 21 3.97 1.24 -2.03
CA SER A 21 3.84 1.29 -0.58
C SER A 21 2.37 1.29 -0.16
N PHE A 22 2.12 0.94 1.09
CA PHE A 22 0.76 0.91 1.61
C PHE A 22 0.76 0.93 3.14
N CYS A 23 0.64 2.13 3.70
CA CYS A 23 0.63 2.30 5.15
C CYS A 23 -0.31 1.29 5.80
N GLN A 24 0.05 0.84 7.01
CA GLN A 24 -0.76 -0.12 7.74
C GLN A 24 -2.24 0.21 7.62
N LYS A 25 -2.62 1.39 8.11
CA LYS A 25 -4.01 1.83 8.06
C LYS A 25 -4.69 1.32 6.79
N CYS A 26 -4.15 1.73 5.63
CA CYS A 26 -4.71 1.32 4.35
C CYS A 26 -4.73 -0.20 4.23
N ILE A 27 -3.64 -0.84 4.65
CA ILE A 27 -3.54 -2.30 4.58
C ILE A 27 -4.67 -2.96 5.37
N ASP A 28 -5.17 -2.27 6.39
CA ASP A 28 -6.24 -2.79 7.22
C ASP A 28 -7.51 -2.99 6.39
N LYS A 29 -7.77 -2.07 5.47
CA LYS A 29 -8.95 -2.14 4.62
C LYS A 29 -8.77 -3.20 3.54
N TRP A 30 -7.79 -2.99 2.68
CA TRP A 30 -7.51 -3.93 1.59
C TRP A 30 -6.53 -5.00 2.03
N SER A 31 -6.96 -6.26 1.98
CA SER A 31 -6.13 -7.38 2.38
C SER A 31 -6.47 -8.63 1.57
N ASP A 32 -5.62 -8.96 0.61
CA ASP A 32 -5.83 -10.14 -0.22
C ASP A 32 -4.52 -10.88 -0.46
N ARG A 33 -4.11 -11.66 0.54
CA ARG A 33 -2.87 -12.43 0.44
C ARG A 33 -2.71 -13.04 -0.95
N HIS A 34 -1.99 -12.36 -1.81
CA HIS A 34 -1.75 -12.83 -3.17
C HIS A 34 -0.36 -12.44 -3.67
N ARG A 35 -0.23 -11.19 -4.09
CA ARG A 35 1.05 -10.69 -4.59
C ARG A 35 0.86 -9.39 -5.35
N ASN A 36 -0.34 -9.18 -5.88
CA ASN A 36 -0.65 -7.97 -6.64
C ASN A 36 -1.01 -6.82 -5.70
N CYS A 37 -1.07 -5.62 -6.25
CA CYS A 37 -1.40 -4.43 -5.47
C CYS A 37 -2.68 -3.78 -5.99
N PRO A 38 -3.35 -3.01 -5.10
CA PRO A 38 -4.59 -2.32 -5.45
C PRO A 38 -4.37 -1.17 -6.42
N ILE A 39 -3.18 -0.59 -6.38
CA ILE A 39 -2.83 0.52 -7.26
C ILE A 39 -2.52 0.03 -8.67
N CYS A 40 -2.25 -1.27 -8.79
CA CYS A 40 -1.94 -1.87 -10.08
C CYS A 40 -3.23 -2.24 -10.83
N ARG A 41 -4.35 -2.21 -10.12
CA ARG A 41 -5.64 -2.54 -10.71
C ARG A 41 -5.94 -1.64 -11.90
N LEU A 42 -5.59 -0.36 -11.78
CA LEU A 42 -5.83 0.60 -12.85
C LEU A 42 -4.56 1.39 -13.16
N GLU A 1 11.94 9.22 3.54
CA GLU A 1 11.16 7.99 3.69
C GLU A 1 9.93 8.01 2.80
N GLU A 2 9.65 6.87 2.16
CA GLU A 2 8.49 6.77 1.27
C GLU A 2 7.20 6.99 2.05
N GLU A 3 6.11 7.22 1.32
CA GLU A 3 4.81 7.45 1.93
C GLU A 3 3.72 6.66 1.21
N CYS A 4 2.68 6.29 1.95
CA CYS A 4 1.58 5.53 1.39
C CYS A 4 1.26 5.99 -0.03
N CYS A 5 1.13 5.03 -0.94
CA CYS A 5 0.83 5.34 -2.34
C CYS A 5 -0.63 5.75 -2.50
N ILE A 6 -1.43 5.51 -1.46
CA ILE A 6 -2.84 5.86 -1.49
C ILE A 6 -3.11 7.15 -0.73
N CYS A 7 -3.00 7.10 0.59
CA CYS A 7 -3.22 8.26 1.43
C CYS A 7 -1.92 9.01 1.70
N MET A 8 -1.24 9.40 0.63
CA MET A 8 0.03 10.11 0.76
C MET A 8 -0.10 11.27 1.74
N ASP A 9 0.19 11.00 3.01
CA ASP A 9 0.11 12.02 4.05
C ASP A 9 1.18 11.80 5.11
N GLY A 10 1.29 10.57 5.59
CA GLY A 10 2.28 10.24 6.61
C GLY A 10 3.50 9.56 6.02
N ARG A 11 3.61 8.25 6.24
CA ARG A 11 4.74 7.49 5.74
C ARG A 11 4.31 6.10 5.31
N ALA A 12 5.23 5.35 4.71
CA ALA A 12 4.95 3.99 4.26
C ALA A 12 5.48 2.95 5.25
N ASP A 13 4.56 2.24 5.88
CA ASP A 13 4.94 1.21 6.85
C ASP A 13 5.31 -0.09 6.14
N LEU A 14 5.08 -0.14 4.84
CA LEU A 14 5.39 -1.33 4.06
C LEU A 14 5.54 -0.98 2.58
N ILE A 15 6.42 -1.70 1.88
CA ILE A 15 6.65 -1.46 0.47
C ILE A 15 6.54 -2.77 -0.33
N LEU A 16 5.33 -3.12 -0.72
CA LEU A 16 5.09 -4.34 -1.49
C LEU A 16 6.18 -4.54 -2.53
N PRO A 17 6.36 -5.80 -2.97
CA PRO A 17 7.36 -6.14 -3.98
C PRO A 17 7.02 -5.61 -5.36
N CYS A 18 5.93 -4.86 -5.44
CA CYS A 18 5.49 -4.30 -6.71
C CYS A 18 5.82 -2.81 -6.78
N ALA A 19 6.40 -2.29 -5.70
CA ALA A 19 6.77 -0.88 -5.64
C ALA A 19 5.57 -0.01 -5.31
N HIS A 20 4.66 -0.55 -4.50
CA HIS A 20 3.45 0.18 -4.11
C HIS A 20 3.26 0.13 -2.59
N SER A 21 3.65 1.20 -1.92
CA SER A 21 3.52 1.29 -0.47
C SER A 21 2.05 1.37 -0.05
N PHE A 22 1.75 0.88 1.14
CA PHE A 22 0.38 0.89 1.66
C PHE A 22 0.38 0.89 3.18
N CYS A 23 0.40 2.08 3.77
CA CYS A 23 0.41 2.21 5.22
C CYS A 23 -0.52 1.19 5.86
N GLN A 24 -0.16 0.74 7.07
CA GLN A 24 -0.96 -0.25 7.78
C GLN A 24 -2.44 0.07 7.67
N LYS A 25 -2.82 1.25 8.18
CA LYS A 25 -4.22 1.68 8.14
C LYS A 25 -4.89 1.26 6.84
N CYS A 26 -4.14 1.35 5.74
CA CYS A 26 -4.65 0.98 4.43
C CYS A 26 -4.47 -0.51 4.17
N ILE A 27 -3.39 -1.08 4.72
CA ILE A 27 -3.11 -2.50 4.55
C ILE A 27 -4.15 -3.35 5.27
N ASP A 28 -4.84 -2.75 6.24
CA ASP A 28 -5.86 -3.46 7.00
C ASP A 28 -7.01 -3.88 6.11
N LYS A 29 -7.27 -3.08 5.07
CA LYS A 29 -8.35 -3.37 4.13
C LYS A 29 -7.85 -4.23 2.97
N TRP A 30 -6.80 -3.78 2.32
CA TRP A 30 -6.23 -4.53 1.20
C TRP A 30 -5.51 -5.78 1.68
N SER A 31 -4.32 -5.59 2.25
CA SER A 31 -3.53 -6.70 2.76
C SER A 31 -3.42 -7.81 1.71
N ASP A 32 -2.32 -7.83 0.98
CA ASP A 32 -2.10 -8.83 -0.06
C ASP A 32 -3.37 -9.09 -0.84
N ARG A 33 -4.14 -10.09 -0.40
CA ARG A 33 -5.38 -10.45 -1.06
C ARG A 33 -5.12 -11.30 -2.30
N HIS A 34 -4.40 -10.73 -3.26
CA HIS A 34 -4.08 -11.43 -4.50
C HIS A 34 -2.61 -11.23 -4.87
N ARG A 35 -1.84 -10.66 -3.95
CA ARG A 35 -0.43 -10.41 -4.18
C ARG A 35 -0.23 -9.12 -4.97
N ASN A 36 -1.30 -8.64 -5.57
CA ASN A 36 -1.25 -7.40 -6.37
C ASN A 36 -1.74 -6.22 -5.55
N CYS A 37 -1.60 -5.02 -6.12
CA CYS A 37 -2.04 -3.81 -5.44
C CYS A 37 -3.11 -3.08 -6.24
N PRO A 38 -3.92 -2.27 -5.55
CA PRO A 38 -5.00 -1.51 -6.19
C PRO A 38 -4.47 -0.39 -7.09
N ILE A 39 -3.16 -0.24 -7.12
CA ILE A 39 -2.53 0.80 -7.94
C ILE A 39 -2.18 0.25 -9.32
N CYS A 40 -2.22 -1.07 -9.47
CA CYS A 40 -1.90 -1.71 -10.74
C CYS A 40 -3.12 -2.46 -11.28
N ARG A 41 -3.81 -3.18 -10.41
CA ARG A 41 -4.99 -3.94 -10.80
C ARG A 41 -5.85 -3.14 -11.77
N LEU A 42 -6.01 -1.85 -11.48
CA LEU A 42 -6.82 -0.97 -12.33
C LEU A 42 -5.93 -0.03 -13.13
N GLU A 1 12.31 9.24 2.94
CA GLU A 1 11.64 7.95 3.15
C GLU A 1 10.50 7.77 2.16
N GLU A 2 9.72 6.71 2.34
CA GLU A 2 8.61 6.42 1.45
C GLU A 2 7.28 6.76 2.13
N GLU A 3 6.30 7.14 1.32
CA GLU A 3 4.98 7.50 1.83
C GLU A 3 3.88 6.81 1.03
N CYS A 4 2.78 6.48 1.71
CA CYS A 4 1.65 5.82 1.07
C CYS A 4 1.25 6.54 -0.21
N CYS A 5 0.97 5.77 -1.26
CA CYS A 5 0.58 6.33 -2.55
C CYS A 5 -0.94 6.45 -2.64
N ILE A 6 -1.63 5.99 -1.61
CA ILE A 6 -3.09 6.06 -1.58
C ILE A 6 -3.58 7.16 -0.65
N CYS A 7 -3.16 7.08 0.62
CA CYS A 7 -3.56 8.07 1.61
C CYS A 7 -2.80 9.38 1.40
N MET A 8 -1.48 9.28 1.34
CA MET A 8 -0.64 10.46 1.15
C MET A 8 -0.41 11.19 2.46
N ASP A 9 0.10 10.47 3.45
CA ASP A 9 0.36 11.06 4.77
C ASP A 9 0.63 9.97 5.79
N GLY A 10 0.13 8.77 5.53
CA GLY A 10 0.33 7.66 6.45
C GLY A 10 1.65 6.96 6.24
N ARG A 11 2.62 7.68 5.68
CA ARG A 11 3.94 7.11 5.42
C ARG A 11 3.82 5.72 4.81
N ALA A 12 4.91 4.95 4.87
CA ALA A 12 4.92 3.60 4.32
C ALA A 12 5.66 2.64 5.26
N ASP A 13 4.97 1.59 5.69
CA ASP A 13 5.56 0.60 6.59
C ASP A 13 5.80 -0.71 5.86
N LEU A 14 5.17 -0.86 4.70
CA LEU A 14 5.32 -2.07 3.90
C LEU A 14 5.55 -1.74 2.43
N ILE A 15 6.66 -2.22 1.88
CA ILE A 15 6.98 -1.96 0.48
C ILE A 15 6.73 -3.20 -0.37
N LEU A 16 6.10 -3.00 -1.52
CA LEU A 16 5.80 -4.09 -2.43
C LEU A 16 6.95 -4.32 -3.42
N PRO A 17 7.02 -5.53 -3.98
CA PRO A 17 8.06 -5.90 -4.94
C PRO A 17 7.88 -5.20 -6.28
N CYS A 18 6.88 -4.33 -6.36
CA CYS A 18 6.59 -3.59 -7.58
C CYS A 18 6.80 -2.09 -7.37
N ALA A 19 7.23 -1.72 -6.18
CA ALA A 19 7.47 -0.32 -5.84
C ALA A 19 6.17 0.38 -5.47
N HIS A 20 5.35 -0.29 -4.67
CA HIS A 20 4.07 0.28 -4.24
C HIS A 20 3.91 0.14 -2.73
N SER A 21 4.16 1.24 -2.01
CA SER A 21 4.04 1.25 -0.57
C SER A 21 2.58 1.37 -0.14
N PHE A 22 2.29 0.97 1.10
CA PHE A 22 0.94 1.03 1.62
C PHE A 22 0.93 1.02 3.15
N CYS A 23 0.70 2.18 3.74
CA CYS A 23 0.68 2.31 5.20
C CYS A 23 -0.30 1.32 5.82
N GLN A 24 -0.02 0.91 7.05
CA GLN A 24 -0.87 -0.04 7.75
C GLN A 24 -2.33 0.41 7.71
N LYS A 25 -2.55 1.69 7.99
CA LYS A 25 -3.90 2.25 7.99
C LYS A 25 -4.76 1.60 6.91
N CYS A 26 -4.44 1.90 5.65
CA CYS A 26 -5.18 1.34 4.52
C CYS A 26 -4.99 -0.17 4.44
N ILE A 27 -3.76 -0.62 4.66
CA ILE A 27 -3.44 -2.04 4.61
C ILE A 27 -4.38 -2.85 5.50
N ASP A 28 -4.89 -2.20 6.54
CA ASP A 28 -5.81 -2.85 7.47
C ASP A 28 -7.24 -2.76 6.97
N LYS A 29 -7.50 -1.79 6.10
CA LYS A 29 -8.83 -1.60 5.55
C LYS A 29 -9.13 -2.63 4.47
N TRP A 30 -8.31 -2.65 3.43
CA TRP A 30 -8.49 -3.59 2.33
C TRP A 30 -8.18 -5.01 2.78
N SER A 31 -6.93 -5.25 3.16
CA SER A 31 -6.50 -6.57 3.61
C SER A 31 -6.23 -7.48 2.42
N ASP A 32 -5.31 -7.06 1.56
CA ASP A 32 -4.95 -7.84 0.38
C ASP A 32 -4.41 -9.21 0.78
N ARG A 33 -4.96 -10.27 0.18
CA ARG A 33 -4.53 -11.63 0.48
C ARG A 33 -3.54 -12.12 -0.57
N HIS A 34 -3.91 -11.99 -1.84
CA HIS A 34 -3.06 -12.43 -2.94
C HIS A 34 -1.89 -11.47 -3.12
N ARG A 35 -1.83 -10.44 -2.29
CA ARG A 35 -0.76 -9.45 -2.36
C ARG A 35 -0.81 -8.70 -3.68
N ASN A 36 -2.01 -8.52 -4.22
CA ASN A 36 -2.19 -7.82 -5.48
C ASN A 36 -2.59 -6.37 -5.25
N CYS A 37 -1.61 -5.47 -5.25
CA CYS A 37 -1.86 -4.05 -5.03
C CYS A 37 -3.04 -3.58 -5.87
N PRO A 38 -3.81 -2.62 -5.33
CA PRO A 38 -4.98 -2.07 -6.01
C PRO A 38 -4.59 -1.20 -7.21
N ILE A 39 -3.38 -0.67 -7.18
CA ILE A 39 -2.89 0.18 -8.27
C ILE A 39 -2.61 -0.65 -9.51
N CYS A 40 -1.52 -1.41 -9.49
CA CYS A 40 -1.14 -2.24 -10.62
C CYS A 40 -2.36 -2.89 -11.25
N ARG A 41 -3.22 -3.46 -10.41
CA ARG A 41 -4.44 -4.12 -10.89
C ARG A 41 -5.06 -3.34 -12.05
N LEU A 42 -5.14 -2.03 -11.89
CA LEU A 42 -5.71 -1.17 -12.92
C LEU A 42 -4.96 -1.32 -14.24
N GLU A 1 13.11 7.74 3.49
CA GLU A 1 11.76 7.96 4.01
C GLU A 1 10.72 7.87 2.89
N GLU A 2 9.85 6.87 2.98
CA GLU A 2 8.81 6.68 1.98
C GLU A 2 7.45 7.11 2.51
N GLU A 3 6.43 7.06 1.65
CA GLU A 3 5.09 7.44 2.04
C GLU A 3 4.05 6.65 1.26
N CYS A 4 2.95 6.31 1.93
CA CYS A 4 1.87 5.54 1.30
C CYS A 4 1.58 6.08 -0.10
N CYS A 5 1.07 5.20 -0.96
CA CYS A 5 0.74 5.58 -2.33
C CYS A 5 -0.74 5.97 -2.44
N ILE A 6 -1.58 5.30 -1.66
CA ILE A 6 -3.01 5.58 -1.68
C ILE A 6 -3.34 6.80 -0.83
N CYS A 7 -3.13 6.68 0.48
CA CYS A 7 -3.41 7.77 1.42
C CYS A 7 -2.37 8.88 1.27
N MET A 8 -1.12 8.48 1.02
CA MET A 8 -0.04 9.45 0.86
C MET A 8 -0.22 10.63 1.80
N ASP A 9 0.15 10.44 3.07
CA ASP A 9 0.02 11.50 4.07
C ASP A 9 1.02 11.29 5.20
N GLY A 10 1.15 10.05 5.65
CA GLY A 10 2.06 9.74 6.73
C GLY A 10 3.33 9.07 6.24
N ARG A 11 3.39 7.75 6.34
CA ARG A 11 4.56 7.00 5.91
C ARG A 11 4.15 5.64 5.35
N ALA A 12 5.14 4.81 5.04
CA ALA A 12 4.88 3.48 4.49
C ALA A 12 5.65 2.42 5.26
N ASP A 13 4.96 1.32 5.59
CA ASP A 13 5.58 0.23 6.33
C ASP A 13 5.78 -0.99 5.42
N LEU A 14 4.94 -1.11 4.41
CA LEU A 14 5.03 -2.22 3.48
C LEU A 14 5.23 -1.73 2.05
N ILE A 15 6.47 -1.80 1.58
CA ILE A 15 6.79 -1.35 0.23
C ILE A 15 6.88 -2.53 -0.73
N LEU A 16 5.73 -2.95 -1.25
CA LEU A 16 5.68 -4.08 -2.18
C LEU A 16 6.79 -3.99 -3.21
N PRO A 17 7.15 -5.14 -3.80
CA PRO A 17 8.20 -5.21 -4.82
C PRO A 17 7.80 -4.55 -6.13
N CYS A 18 6.61 -3.95 -6.14
CA CYS A 18 6.10 -3.30 -7.33
C CYS A 18 6.21 -1.78 -7.19
N ALA A 19 6.70 -1.33 -6.04
CA ALA A 19 6.86 0.10 -5.78
C ALA A 19 5.55 0.71 -5.29
N HIS A 20 4.64 -0.14 -4.85
CA HIS A 20 3.34 0.32 -4.34
C HIS A 20 3.23 0.09 -2.84
N SER A 21 3.59 1.10 -2.06
CA SER A 21 3.54 1.01 -0.61
C SER A 21 2.11 1.22 -0.11
N PHE A 22 1.84 0.77 1.11
CA PHE A 22 0.52 0.89 1.70
C PHE A 22 0.60 0.85 3.23
N CYS A 23 0.43 2.01 3.86
CA CYS A 23 0.48 2.11 5.31
C CYS A 23 -0.57 1.21 5.96
N GLN A 24 -0.17 0.51 7.01
CA GLN A 24 -1.07 -0.40 7.72
C GLN A 24 -2.48 0.18 7.78
N LYS A 25 -2.57 1.49 7.99
CA LYS A 25 -3.85 2.17 8.06
C LYS A 25 -4.81 1.66 6.98
N CYS A 26 -4.46 1.91 5.73
CA CYS A 26 -5.27 1.47 4.60
C CYS A 26 -5.28 -0.04 4.49
N ILE A 27 -4.10 -0.64 4.61
CA ILE A 27 -3.98 -2.10 4.53
C ILE A 27 -4.90 -2.79 5.53
N ASP A 28 -5.28 -2.06 6.58
CA ASP A 28 -6.16 -2.60 7.60
C ASP A 28 -7.55 -2.89 7.04
N LYS A 29 -8.17 -1.87 6.45
CA LYS A 29 -9.50 -2.00 5.87
C LYS A 29 -9.47 -2.94 4.66
N TRP A 30 -8.30 -3.06 4.04
CA TRP A 30 -8.14 -3.93 2.88
C TRP A 30 -7.54 -5.27 3.27
N SER A 31 -8.41 -6.24 3.59
CA SER A 31 -7.96 -7.56 3.98
C SER A 31 -6.72 -7.98 3.19
N ASP A 32 -5.78 -8.62 3.88
CA ASP A 32 -4.55 -9.07 3.24
C ASP A 32 -4.68 -10.52 2.78
N ARG A 33 -5.64 -10.78 1.89
CA ARG A 33 -5.87 -12.12 1.38
C ARG A 33 -5.59 -12.19 -0.11
N HIS A 34 -5.66 -11.04 -0.78
CA HIS A 34 -5.42 -10.97 -2.22
C HIS A 34 -3.96 -10.64 -2.50
N ARG A 35 -3.65 -10.35 -3.76
CA ARG A 35 -2.29 -10.03 -4.17
C ARG A 35 -2.01 -8.54 -3.98
N ASN A 36 -2.85 -7.88 -3.20
CA ASN A 36 -2.70 -6.46 -2.94
C ASN A 36 -2.22 -5.72 -4.19
N CYS A 37 -1.59 -4.57 -4.00
CA CYS A 37 -1.08 -3.77 -5.10
C CYS A 37 -2.22 -3.23 -5.97
N PRO A 38 -3.25 -2.70 -5.30
CA PRO A 38 -4.43 -2.15 -5.99
C PRO A 38 -4.11 -0.85 -6.72
N ILE A 39 -3.35 -0.98 -7.81
CA ILE A 39 -2.98 0.19 -8.61
C ILE A 39 -2.57 -0.23 -10.02
N CYS A 40 -1.79 -1.30 -10.11
CA CYS A 40 -1.32 -1.80 -11.40
C CYS A 40 -2.26 -2.90 -11.92
N ARG A 41 -2.85 -3.66 -11.00
CA ARG A 41 -3.76 -4.74 -11.37
C ARG A 41 -4.85 -4.23 -12.30
N LEU A 42 -5.10 -2.93 -12.27
CA LEU A 42 -6.11 -2.33 -13.12
C LEU A 42 -5.55 -1.14 -13.90
N GLU A 1 12.46 6.11 3.38
CA GLU A 1 12.21 7.42 2.80
C GLU A 1 11.10 7.35 1.75
N GLU A 2 9.94 6.83 2.16
CA GLU A 2 8.80 6.71 1.25
C GLU A 2 7.50 7.02 1.98
N GLU A 3 6.41 7.08 1.22
CA GLU A 3 5.09 7.37 1.80
C GLU A 3 4.00 6.60 1.07
N CYS A 4 2.93 6.27 1.79
CA CYS A 4 1.81 5.53 1.21
C CYS A 4 1.58 5.95 -0.24
N CYS A 5 1.02 5.04 -1.03
CA CYS A 5 0.74 5.30 -2.43
C CYS A 5 -0.76 5.44 -2.66
N ILE A 6 -1.49 5.81 -1.63
CA ILE A 6 -2.94 5.98 -1.72
C ILE A 6 -3.40 7.22 -0.97
N CYS A 7 -3.30 7.18 0.35
CA CYS A 7 -3.70 8.30 1.18
C CYS A 7 -2.58 9.33 1.31
N MET A 8 -1.34 8.86 1.21
CA MET A 8 -0.18 9.72 1.31
C MET A 8 -0.23 10.55 2.59
N ASP A 9 -0.65 9.92 3.68
CA ASP A 9 -0.73 10.59 4.97
C ASP A 9 -0.52 9.61 6.12
N GLY A 10 0.28 8.58 5.85
CA GLY A 10 0.55 7.58 6.87
C GLY A 10 1.89 6.89 6.66
N ARG A 11 2.80 7.56 5.96
CA ARG A 11 4.12 7.00 5.69
C ARG A 11 4.00 5.62 5.05
N ALA A 12 5.14 5.02 4.73
CA ALA A 12 5.17 3.70 4.12
C ALA A 12 5.82 2.68 5.05
N ASP A 13 5.00 1.89 5.72
CA ASP A 13 5.49 0.87 6.65
C ASP A 13 5.76 -0.44 5.92
N LEU A 14 5.33 -0.50 4.66
CA LEU A 14 5.52 -1.71 3.85
C LEU A 14 5.72 -1.34 2.38
N ILE A 15 6.87 -1.70 1.84
CA ILE A 15 7.18 -1.42 0.43
C ILE A 15 7.16 -2.69 -0.39
N LEU A 16 6.07 -2.89 -1.12
CA LEU A 16 5.93 -4.07 -1.97
C LEU A 16 7.03 -4.12 -3.03
N PRO A 17 7.27 -5.33 -3.56
CA PRO A 17 8.30 -5.54 -4.60
C PRO A 17 7.92 -4.91 -5.94
N CYS A 18 6.77 -4.23 -5.96
CA CYS A 18 6.30 -3.58 -7.17
C CYS A 18 6.50 -2.07 -7.10
N ALA A 19 7.10 -1.62 -6.00
CA ALA A 19 7.37 -0.19 -5.81
C ALA A 19 6.09 0.56 -5.42
N HIS A 20 5.15 -0.17 -4.84
CA HIS A 20 3.88 0.42 -4.41
C HIS A 20 3.70 0.29 -2.91
N SER A 21 4.08 1.34 -2.18
CA SER A 21 3.96 1.34 -0.72
C SER A 21 2.49 1.44 -0.29
N PHE A 22 2.22 1.08 0.96
CA PHE A 22 0.87 1.12 1.49
C PHE A 22 0.88 1.11 3.01
N CYS A 23 0.68 2.28 3.62
CA CYS A 23 0.67 2.40 5.06
C CYS A 23 -0.22 1.33 5.69
N GLN A 24 0.01 1.07 6.98
CA GLN A 24 -0.77 0.07 7.70
C GLN A 24 -2.27 0.36 7.59
N LYS A 25 -2.67 1.57 7.96
CA LYS A 25 -4.07 1.97 7.89
C LYS A 25 -4.73 1.40 6.65
N CYS A 26 -4.25 1.81 5.48
CA CYS A 26 -4.79 1.35 4.22
C CYS A 26 -4.64 -0.17 4.08
N ILE A 27 -3.55 -0.71 4.62
CA ILE A 27 -3.29 -2.14 4.55
C ILE A 27 -4.27 -2.91 5.44
N ASP A 28 -4.90 -2.20 6.37
CA ASP A 28 -5.86 -2.81 7.28
C ASP A 28 -7.27 -2.74 6.71
N LYS A 29 -7.58 -1.62 6.05
CA LYS A 29 -8.89 -1.42 5.46
C LYS A 29 -9.06 -2.27 4.20
N TRP A 30 -8.32 -1.91 3.15
CA TRP A 30 -8.37 -2.63 1.88
C TRP A 30 -8.03 -4.10 2.08
N SER A 31 -6.82 -4.37 2.56
CA SER A 31 -6.36 -5.73 2.79
C SER A 31 -6.16 -6.46 1.46
N ASP A 32 -5.39 -5.85 0.57
CA ASP A 32 -5.11 -6.44 -0.73
C ASP A 32 -3.98 -7.45 -0.63
N ARG A 33 -4.33 -8.73 -0.51
CA ARG A 33 -3.34 -9.79 -0.41
C ARG A 33 -3.51 -10.81 -1.53
N HIS A 34 -3.80 -10.32 -2.74
CA HIS A 34 -3.99 -11.19 -3.89
C HIS A 34 -2.69 -11.32 -4.69
N ARG A 35 -1.58 -11.07 -4.03
CA ARG A 35 -0.27 -11.16 -4.68
C ARG A 35 -0.03 -9.97 -5.60
N ASN A 36 -0.95 -9.01 -5.56
CA ASN A 36 -0.85 -7.82 -6.40
C ASN A 36 -1.10 -6.55 -5.58
N CYS A 37 -1.22 -5.42 -6.26
CA CYS A 37 -1.47 -4.15 -5.60
C CYS A 37 -2.78 -3.53 -6.08
N PRO A 38 -3.42 -2.74 -5.20
CA PRO A 38 -4.69 -2.08 -5.52
C PRO A 38 -4.53 -0.98 -6.56
N ILE A 39 -3.30 -0.79 -7.03
CA ILE A 39 -3.01 0.23 -8.04
C ILE A 39 -2.52 -0.39 -9.33
N CYS A 40 -2.39 -1.72 -9.34
CA CYS A 40 -1.91 -2.43 -10.51
C CYS A 40 -3.02 -3.33 -11.08
N ARG A 41 -4.09 -3.49 -10.32
CA ARG A 41 -5.21 -4.33 -10.74
C ARG A 41 -5.87 -3.74 -11.98
N LEU A 42 -5.53 -2.49 -12.30
CA LEU A 42 -6.10 -1.81 -13.45
C LEU A 42 -5.10 -1.76 -14.60
N GLU A 1 9.70 5.63 6.52
CA GLU A 1 10.14 4.94 5.32
C GLU A 1 9.06 5.01 4.24
N GLU A 2 9.34 5.73 3.16
CA GLU A 2 8.40 5.88 2.07
C GLU A 2 7.05 6.40 2.56
N GLU A 3 6.10 6.55 1.64
CA GLU A 3 4.78 7.04 2.00
C GLU A 3 3.69 6.26 1.25
N CYS A 4 2.60 5.98 1.95
CA CYS A 4 1.49 5.24 1.35
C CYS A 4 1.25 5.68 -0.08
N CYS A 5 0.93 4.72 -0.94
CA CYS A 5 0.67 5.01 -2.35
C CYS A 5 -0.79 5.41 -2.57
N ILE A 6 -1.66 4.97 -1.66
CA ILE A 6 -3.08 5.28 -1.76
C ILE A 6 -3.40 6.59 -1.04
N CYS A 7 -3.32 6.57 0.28
CA CYS A 7 -3.61 7.76 1.08
C CYS A 7 -2.32 8.53 1.39
N MET A 8 -1.46 8.64 0.38
CA MET A 8 -0.20 9.36 0.54
C MET A 8 -0.35 10.54 1.51
N ASP A 9 -0.06 10.29 2.78
CA ASP A 9 -0.17 11.33 3.80
C ASP A 9 0.84 11.10 4.91
N GLY A 10 0.98 9.85 5.35
CA GLY A 10 1.92 9.53 6.40
C GLY A 10 3.16 8.83 5.88
N ARG A 11 3.40 7.61 6.34
CA ARG A 11 4.56 6.85 5.93
C ARG A 11 4.13 5.57 5.19
N ALA A 12 5.08 4.68 4.97
CA ALA A 12 4.81 3.42 4.28
C ALA A 12 5.44 2.24 5.01
N ASP A 13 4.62 1.53 5.78
CA ASP A 13 5.09 0.37 6.53
C ASP A 13 5.62 -0.72 5.60
N LEU A 14 4.91 -0.93 4.49
CA LEU A 14 5.31 -1.93 3.51
C LEU A 14 5.61 -1.30 2.16
N ILE A 15 6.61 -1.83 1.47
CA ILE A 15 7.00 -1.31 0.16
C ILE A 15 7.16 -2.44 -0.85
N LEU A 16 6.03 -2.88 -1.41
CA LEU A 16 6.04 -3.95 -2.40
C LEU A 16 7.21 -3.78 -3.38
N PRO A 17 7.63 -4.90 -3.98
CA PRO A 17 8.74 -4.91 -4.94
C PRO A 17 8.36 -4.23 -6.25
N CYS A 18 7.15 -3.70 -6.31
CA CYS A 18 6.67 -3.02 -7.52
C CYS A 18 6.66 -1.51 -7.31
N ALA A 19 7.08 -1.07 -6.14
CA ALA A 19 7.12 0.35 -5.82
C ALA A 19 5.76 0.85 -5.37
N HIS A 20 4.94 -0.07 -4.86
CA HIS A 20 3.61 0.28 -4.38
C HIS A 20 3.46 -0.02 -2.90
N SER A 21 3.75 0.98 -2.06
CA SER A 21 3.66 0.81 -0.62
C SER A 21 2.21 0.96 -0.14
N PHE A 22 1.97 0.62 1.12
CA PHE A 22 0.64 0.71 1.69
C PHE A 22 0.71 0.76 3.22
N CYS A 23 0.44 1.94 3.78
CA CYS A 23 0.47 2.13 5.22
C CYS A 23 -0.30 1.02 5.93
N GLN A 24 -0.29 1.06 7.26
CA GLN A 24 -1.00 0.06 8.05
C GLN A 24 -2.51 0.30 8.02
N LYS A 25 -2.90 1.57 7.98
CA LYS A 25 -4.31 1.93 7.95
C LYS A 25 -5.02 1.21 6.81
N CYS A 26 -4.72 1.62 5.58
CA CYS A 26 -5.33 1.02 4.40
C CYS A 26 -5.21 -0.50 4.44
N ILE A 27 -4.07 -0.99 4.91
CA ILE A 27 -3.83 -2.42 5.01
C ILE A 27 -4.79 -3.08 6.01
N ASP A 28 -5.23 -2.30 6.99
CA ASP A 28 -6.15 -2.79 8.01
C ASP A 28 -7.59 -2.57 7.59
N LYS A 29 -7.81 -1.61 6.70
CA LYS A 29 -9.15 -1.30 6.22
C LYS A 29 -9.49 -2.13 4.98
N TRP A 30 -8.91 -1.76 3.85
CA TRP A 30 -9.15 -2.47 2.60
C TRP A 30 -7.85 -3.02 2.02
N SER A 31 -7.76 -4.34 1.91
CA SER A 31 -6.58 -5.00 1.38
C SER A 31 -6.78 -6.50 1.30
N ASP A 32 -5.68 -7.23 1.08
CA ASP A 32 -5.73 -8.68 0.98
C ASP A 32 -4.39 -9.30 1.39
N ARG A 33 -4.27 -9.63 2.68
CA ARG A 33 -3.04 -10.22 3.19
C ARG A 33 -2.42 -11.16 2.16
N HIS A 34 -1.48 -10.64 1.38
CA HIS A 34 -0.80 -11.44 0.35
C HIS A 34 0.06 -10.54 -0.54
N ARG A 35 0.62 -9.49 0.04
CA ARG A 35 1.46 -8.57 -0.70
C ARG A 35 0.90 -8.33 -2.11
N ASN A 36 -0.39 -8.02 -2.18
CA ASN A 36 -1.05 -7.78 -3.46
C ASN A 36 -0.79 -6.34 -3.93
N CYS A 37 -0.86 -6.15 -5.24
CA CYS A 37 -0.64 -4.83 -5.82
C CYS A 37 -1.94 -4.26 -6.40
N PRO A 38 -2.78 -3.71 -5.51
CA PRO A 38 -4.07 -3.11 -5.91
C PRO A 38 -3.89 -1.82 -6.70
N ILE A 39 -2.71 -1.22 -6.60
CA ILE A 39 -2.42 0.01 -7.30
C ILE A 39 -1.82 -0.27 -8.67
N CYS A 40 -2.05 -1.47 -9.18
CA CYS A 40 -1.53 -1.86 -10.48
C CYS A 40 -2.66 -2.09 -11.48
N ARG A 41 -3.83 -2.47 -10.95
CA ARG A 41 -5.00 -2.73 -11.80
C ARG A 41 -6.12 -1.75 -11.47
N LEU A 42 -5.76 -0.56 -11.01
CA LEU A 42 -6.74 0.46 -10.65
C LEU A 42 -7.57 0.87 -11.86
N GLU A 1 11.64 5.35 -2.41
CA GLU A 1 10.28 5.87 -2.34
C GLU A 1 9.60 5.44 -1.04
N GLU A 2 8.96 6.40 -0.38
CA GLU A 2 8.27 6.12 0.88
C GLU A 2 6.85 6.69 0.86
N GLU A 3 6.28 6.90 2.05
CA GLU A 3 4.94 7.43 2.16
C GLU A 3 3.93 6.52 1.46
N CYS A 4 2.68 6.56 1.92
CA CYS A 4 1.62 5.75 1.33
C CYS A 4 1.32 6.19 -0.10
N CYS A 5 1.07 5.21 -0.97
CA CYS A 5 0.77 5.50 -2.37
C CYS A 5 -0.73 5.59 -2.59
N ILE A 6 -1.46 5.88 -1.51
CA ILE A 6 -2.91 6.00 -1.59
C ILE A 6 -3.41 7.21 -0.81
N CYS A 7 -3.46 7.07 0.51
CA CYS A 7 -3.91 8.14 1.38
C CYS A 7 -2.85 9.23 1.51
N MET A 8 -1.58 8.82 1.38
CA MET A 8 -0.47 9.76 1.48
C MET A 8 -0.66 10.71 2.66
N ASP A 9 -0.85 10.14 3.84
CA ASP A 9 -1.04 10.94 5.05
C ASP A 9 -0.23 10.38 6.21
N GLY A 10 0.98 9.93 5.92
CA GLY A 10 1.84 9.37 6.94
C GLY A 10 3.18 8.91 6.40
N ARG A 11 3.42 7.60 6.46
CA ARG A 11 4.68 7.04 5.96
C ARG A 11 4.45 5.66 5.35
N ALA A 12 5.39 5.22 4.52
CA ALA A 12 5.29 3.92 3.87
C ALA A 12 5.68 2.80 4.84
N ASP A 13 4.72 2.32 5.60
CA ASP A 13 4.96 1.24 6.55
C ASP A 13 5.47 -0.01 5.85
N LEU A 14 5.02 -0.21 4.62
CA LEU A 14 5.43 -1.38 3.83
C LEU A 14 5.71 -0.98 2.39
N ILE A 15 6.36 -1.88 1.65
CA ILE A 15 6.67 -1.62 0.25
C ILE A 15 6.54 -2.90 -0.59
N LEU A 16 5.42 -3.00 -1.30
CA LEU A 16 5.16 -4.17 -2.14
C LEU A 16 6.31 -4.39 -3.12
N PRO A 17 6.47 -5.65 -3.57
CA PRO A 17 7.53 -6.02 -4.52
C PRO A 17 7.27 -5.46 -5.92
N CYS A 18 6.19 -4.69 -6.05
CA CYS A 18 5.83 -4.09 -7.33
C CYS A 18 6.11 -2.59 -7.32
N ALA A 19 6.74 -2.11 -6.25
CA ALA A 19 7.06 -0.70 -6.13
C ALA A 19 5.81 0.12 -5.78
N HIS A 20 5.10 -0.32 -4.75
CA HIS A 20 3.89 0.38 -4.31
C HIS A 20 3.74 0.30 -2.79
N SER A 21 4.07 1.39 -2.11
CA SER A 21 3.98 1.45 -0.65
C SER A 21 2.53 1.56 -0.21
N PHE A 22 2.27 1.21 1.05
CA PHE A 22 0.92 1.28 1.60
C PHE A 22 0.96 1.26 3.12
N CYS A 23 0.55 2.37 3.73
CA CYS A 23 0.52 2.48 5.18
C CYS A 23 -0.37 1.42 5.80
N GLN A 24 0.01 0.94 6.98
CA GLN A 24 -0.75 -0.08 7.68
C GLN A 24 -2.26 0.21 7.57
N LYS A 25 -2.67 1.36 8.08
CA LYS A 25 -4.07 1.76 8.05
C LYS A 25 -4.75 1.26 6.78
N CYS A 26 -4.15 1.59 5.62
CA CYS A 26 -4.69 1.18 4.34
C CYS A 26 -4.52 -0.33 4.13
N ILE A 27 -3.34 -0.83 4.47
CA ILE A 27 -3.04 -2.25 4.32
C ILE A 27 -4.12 -3.11 4.98
N ASP A 28 -4.66 -2.61 6.09
CA ASP A 28 -5.70 -3.32 6.82
C ASP A 28 -7.04 -3.22 6.10
N LYS A 29 -7.34 -2.04 5.57
CA LYS A 29 -8.59 -1.80 4.86
C LYS A 29 -8.66 -2.67 3.60
N TRP A 30 -7.68 -2.51 2.72
CA TRP A 30 -7.64 -3.30 1.48
C TRP A 30 -7.01 -4.66 1.72
N SER A 31 -7.85 -5.68 1.83
CA SER A 31 -7.38 -7.04 2.06
C SER A 31 -8.48 -8.05 1.77
N ASP A 32 -9.58 -7.95 2.50
CA ASP A 32 -10.71 -8.87 2.32
C ASP A 32 -11.53 -8.47 1.10
N ARG A 33 -11.00 -8.76 -0.08
CA ARG A 33 -11.68 -8.43 -1.34
C ARG A 33 -10.73 -8.55 -2.52
N HIS A 34 -9.44 -8.42 -2.25
CA HIS A 34 -8.43 -8.51 -3.29
C HIS A 34 -7.05 -8.16 -2.74
N ARG A 35 -6.45 -9.10 -2.00
CA ARG A 35 -5.13 -8.89 -1.42
C ARG A 35 -4.18 -8.30 -2.45
N ASN A 36 -4.50 -8.46 -3.73
CA ASN A 36 -3.66 -7.96 -4.80
C ASN A 36 -3.51 -6.44 -4.69
N CYS A 37 -2.34 -5.94 -5.09
CA CYS A 37 -2.07 -4.51 -5.03
C CYS A 37 -3.16 -3.72 -5.74
N PRO A 38 -3.49 -2.53 -5.19
CA PRO A 38 -4.53 -1.66 -5.75
C PRO A 38 -4.10 -1.04 -7.08
N ILE A 39 -2.92 -0.45 -7.11
CA ILE A 39 -2.41 0.17 -8.32
C ILE A 39 -2.37 -0.82 -9.47
N CYS A 40 -1.41 -1.74 -9.42
CA CYS A 40 -1.26 -2.75 -10.47
C CYS A 40 -2.63 -3.18 -11.00
N ARG A 41 -3.58 -3.36 -10.09
CA ARG A 41 -4.93 -3.77 -10.47
C ARG A 41 -5.43 -2.98 -11.67
N LEU A 42 -5.31 -1.66 -11.58
CA LEU A 42 -5.75 -0.78 -12.66
C LEU A 42 -4.73 0.32 -12.92
N GLU A 1 12.32 5.78 3.39
CA GLU A 1 11.31 6.62 4.05
C GLU A 1 10.25 7.08 3.03
N GLU A 2 9.72 6.13 2.28
CA GLU A 2 8.70 6.43 1.28
C GLU A 2 7.36 6.71 1.94
N GLU A 3 6.45 7.35 1.20
CA GLU A 3 5.13 7.67 1.72
C GLU A 3 4.06 6.88 0.99
N CYS A 4 3.00 6.51 1.72
CA CYS A 4 1.90 5.74 1.13
C CYS A 4 1.48 6.33 -0.21
N CYS A 5 1.35 5.46 -1.20
CA CYS A 5 0.95 5.89 -2.55
C CYS A 5 -0.56 5.77 -2.72
N ILE A 6 -1.31 6.18 -1.70
CA ILE A 6 -2.76 6.12 -1.74
C ILE A 6 -3.37 7.29 -0.98
N CYS A 7 -3.19 7.29 0.35
CA CYS A 7 -3.73 8.35 1.19
C CYS A 7 -2.75 9.51 1.29
N MET A 8 -1.47 9.21 1.17
CA MET A 8 -0.43 10.23 1.24
C MET A 8 -0.30 10.77 2.67
N ASP A 9 -0.97 10.11 3.61
CA ASP A 9 -0.92 10.51 5.00
C ASP A 9 -0.74 9.31 5.92
N GLY A 10 0.26 8.49 5.62
CA GLY A 10 0.52 7.30 6.41
C GLY A 10 1.89 6.70 6.12
N ARG A 11 2.81 7.54 5.65
CA ARG A 11 4.16 7.07 5.33
C ARG A 11 4.11 5.71 4.63
N ALA A 12 5.21 4.96 4.74
CA ALA A 12 5.30 3.64 4.13
C ALA A 12 5.74 2.60 5.14
N ASP A 13 4.81 1.72 5.51
CA ASP A 13 5.09 0.67 6.48
C ASP A 13 5.26 -0.67 5.77
N LEU A 14 4.96 -0.70 4.49
CA LEU A 14 5.08 -1.93 3.70
C LEU A 14 5.37 -1.61 2.23
N ILE A 15 6.60 -1.87 1.81
CA ILE A 15 7.01 -1.61 0.44
C ILE A 15 6.78 -2.83 -0.45
N LEU A 16 5.65 -2.85 -1.14
CA LEU A 16 5.31 -3.96 -2.03
C LEU A 16 6.40 -4.19 -3.06
N PRO A 17 6.46 -5.41 -3.60
CA PRO A 17 7.46 -5.79 -4.61
C PRO A 17 7.21 -5.10 -5.95
N CYS A 18 6.20 -4.24 -6.00
CA CYS A 18 5.86 -3.52 -7.21
C CYS A 18 6.25 -2.05 -7.10
N ALA A 19 6.98 -1.72 -6.03
CA ALA A 19 7.41 -0.35 -5.81
C ALA A 19 6.25 0.54 -5.39
N HIS A 20 5.31 -0.03 -4.65
CA HIS A 20 4.15 0.71 -4.19
C HIS A 20 3.98 0.58 -2.68
N SER A 21 4.17 1.68 -1.96
CA SER A 21 4.05 1.70 -0.51
C SER A 21 2.59 1.57 -0.09
N PHE A 22 2.38 1.11 1.14
CA PHE A 22 1.02 0.94 1.67
C PHE A 22 1.02 1.00 3.19
N CYS A 23 0.74 2.17 3.73
CA CYS A 23 0.70 2.36 5.18
C CYS A 23 -0.21 1.33 5.84
N GLN A 24 0.15 0.95 7.06
CA GLN A 24 -0.63 -0.04 7.80
C GLN A 24 -2.09 0.37 7.88
N LYS A 25 -2.35 1.67 7.93
CA LYS A 25 -3.70 2.20 8.01
C LYS A 25 -4.50 1.80 6.77
N CYS A 26 -3.82 1.72 5.63
CA CYS A 26 -4.47 1.35 4.38
C CYS A 26 -4.60 -0.16 4.26
N ILE A 27 -3.51 -0.87 4.55
CA ILE A 27 -3.51 -2.33 4.48
C ILE A 27 -4.58 -2.93 5.39
N ASP A 28 -4.85 -2.25 6.50
CA ASP A 28 -5.85 -2.72 7.45
C ASP A 28 -7.19 -2.96 6.75
N LYS A 29 -7.67 -1.96 6.04
CA LYS A 29 -8.94 -2.07 5.33
C LYS A 29 -8.82 -3.04 4.15
N TRP A 30 -8.14 -2.60 3.10
CA TRP A 30 -7.96 -3.42 1.91
C TRP A 30 -7.18 -4.68 2.25
N SER A 31 -6.79 -5.43 1.22
CA SER A 31 -6.05 -6.67 1.40
C SER A 31 -6.70 -7.54 2.46
N ASP A 32 -7.88 -8.07 2.14
CA ASP A 32 -8.62 -8.92 3.06
C ASP A 32 -8.68 -10.36 2.54
N ARG A 33 -8.32 -10.54 1.28
CA ARG A 33 -8.34 -11.86 0.66
C ARG A 33 -6.95 -12.24 0.16
N HIS A 34 -6.45 -11.49 -0.81
CA HIS A 34 -5.13 -11.75 -1.38
C HIS A 34 -4.12 -10.68 -0.94
N ARG A 35 -2.93 -10.72 -1.53
CA ARG A 35 -1.89 -9.76 -1.19
C ARG A 35 -1.52 -8.92 -2.42
N ASN A 36 -2.43 -8.86 -3.38
CA ASN A 36 -2.20 -8.09 -4.61
C ASN A 36 -2.10 -6.60 -4.29
N CYS A 37 -2.09 -5.78 -5.34
CA CYS A 37 -2.00 -4.33 -5.19
C CYS A 37 -3.04 -3.63 -6.05
N PRO A 38 -3.60 -2.52 -5.53
CA PRO A 38 -4.61 -1.74 -6.22
C PRO A 38 -4.05 -1.00 -7.44
N ILE A 39 -2.95 -0.28 -7.22
CA ILE A 39 -2.31 0.48 -8.29
C ILE A 39 -1.92 -0.44 -9.44
N CYS A 40 -1.72 -1.71 -9.14
CA CYS A 40 -1.34 -2.69 -10.15
C CYS A 40 -2.58 -3.30 -10.82
N ARG A 41 -3.59 -3.61 -9.99
CA ARG A 41 -4.82 -4.20 -10.50
C ARG A 41 -5.69 -3.14 -11.16
N LEU A 42 -5.41 -1.88 -10.87
CA LEU A 42 -6.16 -0.77 -11.44
C LEU A 42 -5.23 0.34 -11.90
N GLU A 1 10.68 3.24 -2.49
CA GLU A 1 9.98 4.46 -2.11
C GLU A 1 9.25 4.27 -0.77
N GLU A 2 8.93 5.38 -0.12
CA GLU A 2 8.24 5.33 1.16
C GLU A 2 6.87 6.00 1.07
N GLU A 3 6.24 6.22 2.22
CA GLU A 3 4.92 6.85 2.26
C GLU A 3 3.90 6.02 1.50
N CYS A 4 2.65 6.06 1.96
CA CYS A 4 1.57 5.31 1.32
C CYS A 4 1.32 5.82 -0.09
N CYS A 5 0.90 4.91 -0.97
CA CYS A 5 0.62 5.27 -2.36
C CYS A 5 -0.87 5.55 -2.57
N ILE A 6 -1.68 5.12 -1.60
CA ILE A 6 -3.12 5.32 -1.67
C ILE A 6 -3.54 6.59 -0.93
N CYS A 7 -3.06 6.73 0.30
CA CYS A 7 -3.38 7.90 1.10
C CYS A 7 -2.13 8.74 1.38
N MET A 8 -1.36 9.00 0.33
CA MET A 8 -0.14 9.79 0.45
C MET A 8 -0.30 10.87 1.52
N ASP A 9 0.10 10.56 2.74
CA ASP A 9 0.00 11.51 3.85
C ASP A 9 1.06 11.23 4.90
N GLY A 10 0.94 10.06 5.55
CA GLY A 10 1.89 9.69 6.57
C GLY A 10 3.15 9.06 6.01
N ARG A 11 3.45 7.84 6.44
CA ARG A 11 4.63 7.13 5.97
C ARG A 11 4.26 5.77 5.38
N ALA A 12 5.26 5.04 4.91
CA ALA A 12 5.03 3.73 4.31
C ALA A 12 5.46 2.62 5.28
N ASP A 13 4.55 1.69 5.55
CA ASP A 13 4.82 0.57 6.45
C ASP A 13 5.08 -0.70 5.66
N LEU A 14 4.59 -0.75 4.43
CA LEU A 14 4.76 -1.91 3.57
C LEU A 14 5.08 -1.50 2.15
N ILE A 15 6.35 -1.58 1.78
CA ILE A 15 6.79 -1.23 0.43
C ILE A 15 6.76 -2.43 -0.50
N LEU A 16 5.66 -2.57 -1.23
CA LEU A 16 5.51 -3.68 -2.16
C LEU A 16 6.68 -3.76 -3.12
N PRO A 17 6.90 -4.94 -3.70
CA PRO A 17 7.99 -5.18 -4.64
C PRO A 17 7.77 -4.46 -5.98
N CYS A 18 6.68 -3.71 -6.07
CA CYS A 18 6.35 -2.98 -7.28
C CYS A 18 6.58 -1.48 -7.09
N ALA A 19 7.10 -1.11 -5.92
CA ALA A 19 7.36 0.29 -5.61
C ALA A 19 6.10 1.00 -5.14
N HIS A 20 5.05 0.22 -4.87
CA HIS A 20 3.79 0.77 -4.40
C HIS A 20 3.57 0.46 -2.92
N SER A 21 3.95 1.40 -2.06
CA SER A 21 3.79 1.22 -0.63
C SER A 21 2.32 1.22 -0.23
N PHE A 22 2.04 0.77 0.98
CA PHE A 22 0.67 0.72 1.48
C PHE A 22 0.64 0.71 3.01
N CYS A 23 0.55 1.90 3.60
CA CYS A 23 0.52 2.03 5.05
C CYS A 23 -0.34 0.93 5.68
N GLN A 24 0.11 0.42 6.82
CA GLN A 24 -0.61 -0.64 7.52
C GLN A 24 -2.07 -0.24 7.75
N LYS A 25 -2.32 1.06 7.85
CA LYS A 25 -3.66 1.57 8.07
C LYS A 25 -4.56 1.26 6.87
N CYS A 26 -3.96 1.22 5.68
CA CYS A 26 -4.71 0.94 4.46
C CYS A 26 -4.83 -0.56 4.24
N ILE A 27 -3.72 -1.27 4.42
CA ILE A 27 -3.69 -2.72 4.24
C ILE A 27 -4.63 -3.42 5.22
N ASP A 28 -5.08 -2.67 6.23
CA ASP A 28 -5.98 -3.21 7.24
C ASP A 28 -7.44 -2.95 6.86
N LYS A 29 -7.71 -1.75 6.34
CA LYS A 29 -9.06 -1.38 5.95
C LYS A 29 -9.45 -2.06 4.64
N TRP A 30 -9.09 -1.44 3.52
CA TRP A 30 -9.40 -2.00 2.21
C TRP A 30 -9.01 -3.47 2.13
N SER A 31 -10.02 -4.34 2.16
CA SER A 31 -9.78 -5.78 2.10
C SER A 31 -8.97 -6.15 0.87
N ASP A 32 -7.65 -6.10 1.00
CA ASP A 32 -6.76 -6.42 -0.11
C ASP A 32 -6.69 -7.94 -0.33
N ARG A 33 -7.42 -8.42 -1.34
CA ARG A 33 -7.43 -9.85 -1.64
C ARG A 33 -6.04 -10.46 -1.47
N HIS A 34 -5.06 -9.88 -2.13
CA HIS A 34 -3.69 -10.36 -2.05
C HIS A 34 -2.70 -9.20 -1.96
N ARG A 35 -1.57 -9.44 -1.29
CA ARG A 35 -0.55 -8.42 -1.13
C ARG A 35 0.33 -8.33 -2.38
N ASN A 36 -0.31 -8.29 -3.54
CA ASN A 36 0.41 -8.19 -4.81
C ASN A 36 0.60 -6.74 -5.23
N CYS A 37 -0.50 -6.08 -5.56
CA CYS A 37 -0.46 -4.68 -5.98
C CYS A 37 -1.85 -4.19 -6.36
N PRO A 38 -2.65 -3.81 -5.34
CA PRO A 38 -4.01 -3.32 -5.55
C PRO A 38 -4.03 -1.94 -6.19
N ILE A 39 -2.85 -1.43 -6.53
CA ILE A 39 -2.73 -0.12 -7.16
C ILE A 39 -2.59 -0.24 -8.67
N CYS A 40 -2.03 -1.37 -9.11
CA CYS A 40 -1.84 -1.62 -10.55
C CYS A 40 -3.07 -2.29 -11.15
N ARG A 41 -3.81 -3.00 -10.31
CA ARG A 41 -5.01 -3.69 -10.77
C ARG A 41 -5.88 -2.78 -11.63
N LEU A 42 -5.72 -1.48 -11.43
CA LEU A 42 -6.50 -0.49 -12.19
C LEU A 42 -6.36 -0.72 -13.69
N GLU A 1 12.62 7.95 4.02
CA GLU A 1 11.78 6.80 3.66
C GLU A 1 10.71 7.22 2.64
N GLU A 2 9.77 6.31 2.38
CA GLU A 2 8.71 6.58 1.42
C GLU A 2 7.39 6.87 2.14
N GLU A 3 6.33 7.09 1.37
CA GLU A 3 5.02 7.37 1.94
C GLU A 3 3.93 6.64 1.16
N CYS A 4 2.81 6.39 1.82
CA CYS A 4 1.68 5.70 1.20
C CYS A 4 1.40 6.26 -0.19
N CYS A 5 1.16 5.36 -1.14
CA CYS A 5 0.88 5.77 -2.52
C CYS A 5 -0.62 5.85 -2.77
N ILE A 6 -1.36 6.27 -1.75
CA ILE A 6 -2.82 6.38 -1.85
C ILE A 6 -3.34 7.52 -0.98
N CYS A 7 -3.24 7.34 0.33
CA CYS A 7 -3.71 8.36 1.28
C CYS A 7 -2.65 9.44 1.48
N MET A 8 -1.38 9.06 1.34
CA MET A 8 -0.28 10.00 1.51
C MET A 8 -0.42 10.77 2.82
N ASP A 9 -0.75 10.06 3.90
CA ASP A 9 -0.90 10.67 5.19
C ASP A 9 -0.59 9.68 6.32
N GLY A 10 0.37 8.80 6.06
CA GLY A 10 0.75 7.81 7.04
C GLY A 10 2.07 7.14 6.72
N ARG A 11 2.88 7.81 5.89
CA ARG A 11 4.18 7.27 5.50
C ARG A 11 4.04 5.86 4.93
N ALA A 12 5.16 5.25 4.59
CA ALA A 12 5.17 3.90 4.03
C ALA A 12 5.72 2.89 5.02
N ASP A 13 4.84 2.03 5.54
CA ASP A 13 5.25 1.02 6.51
C ASP A 13 5.58 -0.30 5.81
N LEU A 14 5.16 -0.42 4.55
CA LEU A 14 5.42 -1.62 3.77
C LEU A 14 5.60 -1.28 2.29
N ILE A 15 6.71 -1.73 1.73
CA ILE A 15 7.02 -1.49 0.31
C ILE A 15 6.89 -2.76 -0.51
N LEU A 16 5.76 -2.90 -1.19
CA LEU A 16 5.52 -4.08 -2.02
C LEU A 16 6.61 -4.24 -3.07
N PRO A 17 6.79 -5.48 -3.56
CA PRO A 17 7.80 -5.79 -4.57
C PRO A 17 7.46 -5.20 -5.93
N CYS A 18 6.36 -4.46 -5.99
CA CYS A 18 5.93 -3.83 -7.23
C CYS A 18 6.22 -2.33 -7.23
N ALA A 19 6.86 -1.87 -6.16
CA ALA A 19 7.21 -0.46 -6.03
C ALA A 19 6.00 0.38 -5.62
N HIS A 20 5.12 -0.23 -4.83
CA HIS A 20 3.91 0.46 -4.37
C HIS A 20 3.75 0.31 -2.86
N SER A 21 3.98 1.40 -2.14
CA SER A 21 3.87 1.39 -0.68
C SER A 21 2.40 1.48 -0.25
N PHE A 22 2.13 1.10 0.99
CA PHE A 22 0.78 1.13 1.52
C PHE A 22 0.78 1.08 3.04
N CYS A 23 0.66 2.24 3.67
CA CYS A 23 0.65 2.33 5.13
C CYS A 23 -0.26 1.26 5.72
N GLN A 24 0.16 0.72 6.87
CA GLN A 24 -0.62 -0.31 7.55
C GLN A 24 -2.12 -0.01 7.46
N LYS A 25 -2.50 1.18 7.87
CA LYS A 25 -3.90 1.60 7.84
C LYS A 25 -4.58 1.10 6.57
N CYS A 26 -4.16 1.64 5.43
CA CYS A 26 -4.74 1.25 4.15
C CYS A 26 -4.56 -0.26 3.91
N ILE A 27 -3.46 -0.80 4.42
CA ILE A 27 -3.17 -2.22 4.25
C ILE A 27 -4.18 -3.07 5.02
N ASP A 28 -4.71 -2.52 6.11
CA ASP A 28 -5.68 -3.22 6.93
C ASP A 28 -7.08 -3.11 6.33
N LYS A 29 -7.28 -2.11 5.49
CA LYS A 29 -8.57 -1.89 4.84
C LYS A 29 -8.62 -2.55 3.48
N TRP A 30 -7.94 -1.93 2.51
CA TRP A 30 -7.91 -2.46 1.14
C TRP A 30 -6.92 -3.62 1.04
N SER A 31 -7.21 -4.56 0.14
CA SER A 31 -6.35 -5.72 -0.05
C SER A 31 -6.07 -6.42 1.27
N ASP A 32 -7.01 -7.26 1.70
CA ASP A 32 -6.87 -7.99 2.96
C ASP A 32 -6.88 -9.50 2.71
N ARG A 33 -7.52 -9.91 1.62
CA ARG A 33 -7.61 -11.33 1.27
C ARG A 33 -6.27 -11.85 0.77
N HIS A 34 -6.07 -11.82 -0.54
CA HIS A 34 -4.83 -12.29 -1.13
C HIS A 34 -3.67 -11.35 -0.81
N ARG A 35 -4.01 -10.10 -0.47
CA ARG A 35 -2.99 -9.11 -0.13
C ARG A 35 -2.42 -8.47 -1.39
N ASN A 36 -3.21 -8.47 -2.46
CA ASN A 36 -2.78 -7.89 -3.72
C ASN A 36 -2.50 -6.39 -3.58
N CYS A 37 -2.34 -5.70 -4.70
CA CYS A 37 -2.06 -4.27 -4.69
C CYS A 37 -3.09 -3.52 -5.52
N PRO A 38 -3.46 -2.32 -5.06
CA PRO A 38 -4.44 -1.47 -5.73
C PRO A 38 -3.92 -0.90 -7.05
N ILE A 39 -2.72 -0.31 -7.00
CA ILE A 39 -2.11 0.26 -8.19
C ILE A 39 -1.95 -0.78 -9.28
N CYS A 40 -1.86 -2.04 -8.88
CA CYS A 40 -1.70 -3.15 -9.83
C CYS A 40 -3.06 -3.68 -10.27
N ARG A 41 -4.04 -3.61 -9.38
CA ARG A 41 -5.39 -4.08 -9.66
C ARG A 41 -5.99 -3.31 -10.83
N LEU A 42 -5.57 -2.06 -10.98
CA LEU A 42 -6.07 -1.21 -12.06
C LEU A 42 -5.27 -1.43 -13.35
N GLU A 1 8.42 7.18 -4.06
CA GLU A 1 9.44 6.99 -3.04
C GLU A 1 8.82 7.01 -1.64
N GLU A 2 8.87 5.86 -0.97
CA GLU A 2 8.31 5.74 0.37
C GLU A 2 6.93 6.39 0.45
N GLU A 3 6.44 6.59 1.68
CA GLU A 3 5.14 7.20 1.89
C GLU A 3 4.04 6.40 1.20
N CYS A 4 2.84 6.46 1.74
CA CYS A 4 1.70 5.74 1.19
C CYS A 4 1.43 6.18 -0.25
N CYS A 5 1.13 5.22 -1.12
CA CYS A 5 0.85 5.52 -2.52
C CYS A 5 -0.66 5.54 -2.77
N ILE A 6 -1.42 5.98 -1.77
CA ILE A 6 -2.87 6.05 -1.89
C ILE A 6 -3.43 7.21 -1.07
N CYS A 7 -3.11 7.23 0.22
CA CYS A 7 -3.58 8.28 1.10
C CYS A 7 -2.49 9.32 1.35
N MET A 8 -1.24 8.91 1.13
CA MET A 8 -0.11 9.81 1.32
C MET A 8 -0.28 10.64 2.59
N ASP A 9 -0.41 9.97 3.72
CA ASP A 9 -0.59 10.65 5.00
C ASP A 9 -0.29 9.70 6.16
N GLY A 10 0.48 8.65 5.88
CA GLY A 10 0.82 7.68 6.91
C GLY A 10 2.15 6.99 6.64
N ARG A 11 3.01 7.65 5.88
CA ARG A 11 4.32 7.08 5.55
C ARG A 11 4.16 5.74 4.86
N ALA A 12 5.29 5.11 4.54
CA ALA A 12 5.28 3.80 3.89
C ALA A 12 5.80 2.71 4.83
N ASP A 13 4.90 2.17 5.65
CA ASP A 13 5.26 1.12 6.59
C ASP A 13 5.60 -0.18 5.86
N LEU A 14 5.05 -0.34 4.66
CA LEU A 14 5.29 -1.53 3.86
C LEU A 14 5.45 -1.17 2.39
N ILE A 15 6.53 -1.67 1.77
CA ILE A 15 6.80 -1.40 0.36
C ILE A 15 6.70 -2.68 -0.47
N LEU A 16 5.55 -2.86 -1.12
CA LEU A 16 5.32 -4.05 -1.95
C LEU A 16 6.41 -4.18 -3.00
N PRO A 17 6.58 -5.39 -3.53
CA PRO A 17 7.58 -5.69 -4.57
C PRO A 17 7.23 -5.04 -5.91
N CYS A 18 6.12 -4.30 -5.92
CA CYS A 18 5.68 -3.64 -7.14
C CYS A 18 6.01 -2.15 -7.12
N ALA A 19 6.66 -1.72 -6.03
CA ALA A 19 7.04 -0.31 -5.88
C ALA A 19 5.84 0.54 -5.49
N HIS A 20 4.96 -0.03 -4.68
CA HIS A 20 3.76 0.69 -4.23
C HIS A 20 3.58 0.55 -2.73
N SER A 21 3.93 1.60 -1.99
CA SER A 21 3.80 1.60 -0.54
C SER A 21 2.34 1.71 -0.12
N PHE A 22 2.05 1.28 1.11
CA PHE A 22 0.69 1.32 1.63
C PHE A 22 0.70 1.30 3.16
N CYS A 23 0.58 2.48 3.76
CA CYS A 23 0.57 2.59 5.21
C CYS A 23 -0.29 1.50 5.84
N GLN A 24 0.15 0.99 6.99
CA GLN A 24 -0.57 -0.07 7.68
C GLN A 24 -2.09 0.14 7.56
N LYS A 25 -2.57 1.28 8.04
CA LYS A 25 -3.99 1.59 7.98
C LYS A 25 -4.60 1.07 6.69
N CYS A 26 -4.19 1.66 5.57
CA CYS A 26 -4.70 1.25 4.26
C CYS A 26 -4.55 -0.25 4.05
N ILE A 27 -3.36 -0.76 4.36
CA ILE A 27 -3.08 -2.18 4.21
C ILE A 27 -4.10 -3.03 4.96
N ASP A 28 -4.66 -2.46 6.03
CA ASP A 28 -5.66 -3.16 6.84
C ASP A 28 -7.05 -2.95 6.26
N LYS A 29 -7.28 -1.77 5.69
CA LYS A 29 -8.59 -1.45 5.11
C LYS A 29 -8.79 -2.18 3.79
N TRP A 30 -7.69 -2.41 3.07
CA TRP A 30 -7.74 -3.11 1.79
C TRP A 30 -7.36 -4.57 1.94
N SER A 31 -8.00 -5.25 2.89
CA SER A 31 -7.72 -6.66 3.14
C SER A 31 -9.00 -7.49 3.09
N ASP A 32 -9.97 -7.01 2.33
CA ASP A 32 -11.25 -7.70 2.19
C ASP A 32 -11.43 -8.25 0.78
N ARG A 33 -10.31 -8.42 0.08
CA ARG A 33 -10.35 -8.94 -1.29
C ARG A 33 -9.55 -10.23 -1.40
N HIS A 34 -8.23 -10.10 -1.54
CA HIS A 34 -7.35 -11.26 -1.66
C HIS A 34 -5.98 -10.95 -1.07
N ARG A 35 -5.04 -10.54 -1.92
CA ARG A 35 -3.69 -10.23 -1.48
C ARG A 35 -2.91 -9.55 -2.59
N ASN A 36 -3.61 -8.88 -3.50
CA ASN A 36 -2.98 -8.20 -4.62
C ASN A 36 -3.06 -6.69 -4.46
N CYS A 37 -2.05 -5.98 -4.94
CA CYS A 37 -2.01 -4.53 -4.85
C CYS A 37 -3.13 -3.90 -5.70
N PRO A 38 -3.71 -2.81 -5.19
CA PRO A 38 -4.78 -2.10 -5.89
C PRO A 38 -4.28 -1.37 -7.14
N ILE A 39 -3.22 -0.60 -6.99
CA ILE A 39 -2.65 0.14 -8.11
C ILE A 39 -2.38 -0.78 -9.30
N CYS A 40 -1.44 -1.69 -9.13
CA CYS A 40 -1.10 -2.64 -10.18
C CYS A 40 -2.36 -3.18 -10.87
N ARG A 41 -3.42 -3.34 -10.09
CA ARG A 41 -4.68 -3.85 -10.60
C ARG A 41 -5.36 -2.82 -11.50
N LEU A 42 -5.22 -1.54 -11.13
CA LEU A 42 -5.81 -0.45 -11.90
C LEU A 42 -4.78 0.22 -12.79
N GLU A 1 12.11 5.96 3.29
CA GLU A 1 12.11 7.35 2.82
C GLU A 1 10.93 7.61 1.88
N GLU A 2 9.85 6.87 2.09
CA GLU A 2 8.66 7.02 1.26
C GLU A 2 7.40 7.10 2.12
N GLU A 3 6.25 7.25 1.47
CA GLU A 3 4.98 7.34 2.17
C GLU A 3 3.89 6.58 1.44
N CYS A 4 2.75 6.41 2.09
CA CYS A 4 1.62 5.70 1.49
C CYS A 4 1.26 6.28 0.13
N CYS A 5 1.06 5.40 -0.85
CA CYS A 5 0.71 5.83 -2.21
C CYS A 5 -0.78 6.13 -2.31
N ILE A 6 -1.49 6.01 -1.19
CA ILE A 6 -2.92 6.27 -1.17
C ILE A 6 -3.24 7.48 -0.30
N CYS A 7 -2.77 7.46 0.94
CA CYS A 7 -3.01 8.56 1.87
C CYS A 7 -2.11 9.75 1.55
N MET A 8 -0.93 9.46 1.01
CA MET A 8 0.02 10.50 0.66
C MET A 8 0.09 11.57 1.75
N ASP A 9 0.20 11.12 3.00
CA ASP A 9 0.27 12.05 4.14
C ASP A 9 1.09 11.45 5.27
N GLY A 10 0.82 10.19 5.59
CA GLY A 10 1.53 9.51 6.66
C GLY A 10 2.90 9.04 6.22
N ARG A 11 3.05 7.73 6.09
CA ARG A 11 4.32 7.15 5.68
C ARG A 11 4.12 5.80 4.98
N ALA A 12 5.18 5.02 4.89
CA ALA A 12 5.11 3.71 4.24
C ALA A 12 5.58 2.61 5.18
N ASP A 13 4.64 1.80 5.67
CA ASP A 13 4.96 0.71 6.57
C ASP A 13 5.39 -0.53 5.80
N LEU A 14 4.97 -0.62 4.55
CA LEU A 14 5.31 -1.75 3.71
C LEU A 14 5.49 -1.32 2.25
N ILE A 15 6.64 -1.66 1.67
CA ILE A 15 6.93 -1.30 0.29
C ILE A 15 6.85 -2.54 -0.62
N LEU A 16 5.65 -2.86 -1.05
CA LEU A 16 5.44 -4.01 -1.93
C LEU A 16 6.54 -4.11 -2.97
N PRO A 17 6.80 -5.34 -3.45
CA PRO A 17 7.83 -5.60 -4.46
C PRO A 17 7.46 -5.03 -5.83
N CYS A 18 6.32 -4.36 -5.89
CA CYS A 18 5.85 -3.77 -7.15
C CYS A 18 6.08 -2.26 -7.15
N ALA A 19 6.69 -1.76 -6.09
CA ALA A 19 6.98 -0.33 -5.97
C ALA A 19 5.72 0.46 -5.65
N HIS A 20 4.95 -0.02 -4.69
CA HIS A 20 3.72 0.64 -4.29
C HIS A 20 3.49 0.50 -2.78
N SER A 21 3.87 1.53 -2.03
CA SER A 21 3.71 1.51 -0.58
C SER A 21 2.23 1.48 -0.19
N PHE A 22 1.95 1.05 1.03
CA PHE A 22 0.58 0.96 1.52
C PHE A 22 0.55 0.89 3.04
N CYS A 23 0.47 2.06 3.68
CA CYS A 23 0.43 2.13 5.13
C CYS A 23 -0.45 1.03 5.71
N GLN A 24 -0.02 0.47 6.84
CA GLN A 24 -0.78 -0.59 7.49
C GLN A 24 -2.28 -0.36 7.37
N LYS A 25 -2.74 0.77 7.89
CA LYS A 25 -4.16 1.13 7.83
C LYS A 25 -4.79 0.64 6.52
N CYS A 26 -4.23 1.11 5.40
CA CYS A 26 -4.74 0.71 4.09
C CYS A 26 -4.59 -0.79 3.87
N ILE A 27 -3.47 -1.34 4.32
CA ILE A 27 -3.21 -2.76 4.18
C ILE A 27 -4.18 -3.59 5.01
N ASP A 28 -4.75 -2.97 6.03
CA ASP A 28 -5.69 -3.65 6.91
C ASP A 28 -7.13 -3.43 6.42
N LYS A 29 -7.34 -2.34 5.70
CA LYS A 29 -8.67 -2.01 5.18
C LYS A 29 -8.96 -2.81 3.91
N TRP A 30 -8.49 -2.30 2.78
CA TRP A 30 -8.71 -2.97 1.50
C TRP A 30 -8.67 -4.49 1.66
N SER A 31 -7.66 -4.98 2.38
CA SER A 31 -7.50 -6.40 2.61
C SER A 31 -7.61 -7.18 1.30
N ASP A 32 -6.70 -6.89 0.38
CA ASP A 32 -6.69 -7.57 -0.92
C ASP A 32 -6.71 -9.07 -0.75
N ARG A 33 -6.04 -9.56 0.29
CA ARG A 33 -5.97 -10.99 0.56
C ARG A 33 -5.28 -11.73 -0.58
N HIS A 34 -4.72 -10.98 -1.52
CA HIS A 34 -4.03 -11.56 -2.66
C HIS A 34 -2.54 -11.27 -2.61
N ARG A 35 -2.17 -10.20 -1.91
CA ARG A 35 -0.77 -9.80 -1.79
C ARG A 35 -0.31 -9.03 -3.01
N ASN A 36 -1.14 -9.04 -4.06
CA ASN A 36 -0.81 -8.33 -5.29
C ASN A 36 -0.66 -6.84 -5.04
N CYS A 37 -1.75 -6.10 -5.25
CA CYS A 37 -1.74 -4.66 -5.04
C CYS A 37 -2.90 -3.99 -5.77
N PRO A 38 -3.48 -2.95 -5.15
CA PRO A 38 -4.61 -2.22 -5.73
C PRO A 38 -4.21 -1.40 -6.94
N ILE A 39 -3.16 -0.60 -6.79
CA ILE A 39 -2.66 0.24 -7.88
C ILE A 39 -2.03 -0.61 -8.98
N CYS A 40 -1.99 -1.92 -8.77
CA CYS A 40 -1.41 -2.83 -9.73
C CYS A 40 -2.50 -3.46 -10.61
N ARG A 41 -3.73 -3.46 -10.10
CA ARG A 41 -4.86 -4.03 -10.83
C ARG A 41 -5.36 -3.05 -11.89
N LEU A 42 -4.55 -2.83 -12.91
CA LEU A 42 -4.91 -1.92 -13.99
C LEU A 42 -3.87 -1.94 -15.10
N GLU A 1 12.43 8.41 2.96
CA GLU A 1 11.37 7.50 3.35
C GLU A 1 10.11 7.74 2.52
N GLU A 2 9.69 6.72 1.77
CA GLU A 2 8.52 6.83 0.93
C GLU A 2 7.25 7.00 1.77
N GLU A 3 6.12 7.16 1.10
CA GLU A 3 4.85 7.35 1.78
C GLU A 3 3.72 6.63 1.06
N CYS A 4 2.68 6.26 1.79
CA CYS A 4 1.54 5.56 1.21
C CYS A 4 1.23 6.09 -0.19
N CYS A 5 0.69 5.22 -1.04
CA CYS A 5 0.33 5.61 -2.40
C CYS A 5 -1.16 5.84 -2.53
N ILE A 6 -1.84 5.99 -1.40
CA ILE A 6 -3.28 6.23 -1.39
C ILE A 6 -3.64 7.38 -0.46
N CYS A 7 -2.89 7.52 0.63
CA CYS A 7 -3.13 8.58 1.60
C CYS A 7 -1.82 9.27 1.98
N MET A 8 -1.11 9.75 0.98
CA MET A 8 0.16 10.44 1.22
C MET A 8 0.13 11.22 2.53
N ASP A 9 0.58 10.59 3.61
CA ASP A 9 0.59 11.24 4.92
C ASP A 9 0.90 10.22 6.02
N GLY A 10 0.49 8.98 5.79
CA GLY A 10 0.73 7.93 6.77
C GLY A 10 2.03 7.20 6.53
N ARG A 11 2.93 7.81 5.76
CA ARG A 11 4.21 7.20 5.45
C ARG A 11 4.02 5.81 4.84
N ALA A 12 5.11 5.24 4.32
CA ALA A 12 5.07 3.91 3.73
C ALA A 12 5.66 2.87 4.67
N ASP A 13 4.80 2.19 5.41
CA ASP A 13 5.24 1.17 6.35
C ASP A 13 5.34 -0.19 5.66
N LEU A 14 4.94 -0.24 4.39
CA LEU A 14 4.99 -1.47 3.62
C LEU A 14 5.24 -1.18 2.14
N ILE A 15 6.46 -1.46 1.69
CA ILE A 15 6.81 -1.22 0.29
C ILE A 15 6.77 -2.52 -0.51
N LEU A 16 5.61 -2.83 -1.06
CA LEU A 16 5.43 -4.04 -1.85
C LEU A 16 6.55 -4.19 -2.87
N PRO A 17 6.81 -5.44 -3.29
CA PRO A 17 7.85 -5.75 -4.26
C PRO A 17 7.53 -5.25 -5.66
N CYS A 18 6.39 -4.55 -5.78
CA CYS A 18 5.95 -4.01 -7.06
C CYS A 18 6.22 -2.51 -7.14
N ALA A 19 6.77 -1.96 -6.06
CA ALA A 19 7.08 -0.54 -6.00
C ALA A 19 5.83 0.28 -5.66
N HIS A 20 5.02 -0.23 -4.76
CA HIS A 20 3.79 0.45 -4.35
C HIS A 20 3.63 0.40 -2.83
N SER A 21 3.71 1.56 -2.19
CA SER A 21 3.58 1.65 -0.75
C SER A 21 2.12 1.54 -0.33
N PHE A 22 1.89 1.15 0.92
CA PHE A 22 0.54 0.99 1.45
C PHE A 22 0.54 0.96 2.96
N CYS A 23 0.48 2.14 3.58
CA CYS A 23 0.48 2.25 5.04
C CYS A 23 -0.42 1.19 5.65
N GLN A 24 -0.06 0.75 6.86
CA GLN A 24 -0.83 -0.26 7.56
C GLN A 24 -2.33 0.03 7.47
N LYS A 25 -2.73 1.19 7.97
CA LYS A 25 -4.13 1.58 7.94
C LYS A 25 -4.82 1.08 6.67
N CYS A 26 -4.22 1.38 5.53
CA CYS A 26 -4.77 0.95 4.25
C CYS A 26 -4.61 -0.56 4.06
N ILE A 27 -3.48 -1.09 4.52
CA ILE A 27 -3.21 -2.51 4.40
C ILE A 27 -4.14 -3.33 5.29
N ASP A 28 -4.78 -2.65 6.24
CA ASP A 28 -5.71 -3.31 7.15
C ASP A 28 -7.16 -3.14 6.67
N LYS A 29 -7.44 -1.99 6.06
CA LYS A 29 -8.77 -1.70 5.56
C LYS A 29 -9.04 -2.44 4.26
N TRP A 30 -8.00 -2.59 3.43
CA TRP A 30 -8.12 -3.27 2.16
C TRP A 30 -7.29 -4.54 2.14
N SER A 31 -7.63 -5.48 1.26
CA SER A 31 -6.91 -6.74 1.14
C SER A 31 -6.70 -7.36 2.51
N ASP A 32 -5.88 -8.41 2.56
CA ASP A 32 -5.59 -9.10 3.82
C ASP A 32 -4.38 -10.02 3.66
N ARG A 33 -4.64 -11.26 3.23
CA ARG A 33 -3.57 -12.23 3.04
C ARG A 33 -3.50 -12.68 1.59
N HIS A 34 -3.77 -11.75 0.68
CA HIS A 34 -3.73 -12.04 -0.75
C HIS A 34 -2.41 -11.58 -1.36
N ARG A 35 -1.85 -10.51 -0.81
CA ARG A 35 -0.59 -9.97 -1.30
C ARG A 35 -0.83 -9.07 -2.52
N ASN A 36 -2.00 -9.19 -3.11
CA ASN A 36 -2.36 -8.40 -4.29
C ASN A 36 -2.19 -6.91 -3.99
N CYS A 37 -2.11 -6.11 -5.05
CA CYS A 37 -1.95 -4.67 -4.92
C CYS A 37 -2.98 -3.93 -5.77
N PRO A 38 -3.49 -2.80 -5.25
CA PRO A 38 -4.48 -1.99 -5.96
C PRO A 38 -3.88 -1.26 -7.16
N ILE A 39 -2.77 -0.57 -6.94
CA ILE A 39 -2.10 0.15 -8.02
C ILE A 39 -1.60 -0.79 -9.09
N CYS A 40 -1.70 -2.09 -8.83
CA CYS A 40 -1.25 -3.10 -9.77
C CYS A 40 -2.39 -3.53 -10.70
N ARG A 41 -3.51 -2.80 -10.62
CA ARG A 41 -4.67 -3.12 -11.43
C ARG A 41 -4.77 -2.15 -12.62
N LEU A 42 -3.73 -1.35 -12.81
CA LEU A 42 -3.71 -0.38 -13.90
C LEU A 42 -2.27 0.09 -14.17
N GLU A 1 12.55 6.86 3.99
CA GLU A 1 11.60 7.95 4.18
C GLU A 1 10.62 8.04 3.01
N GLU A 2 9.73 7.05 2.91
CA GLU A 2 8.74 7.02 1.84
C GLU A 2 7.35 7.29 2.38
N GLU A 3 6.37 7.35 1.48
CA GLU A 3 4.98 7.60 1.87
C GLU A 3 4.04 6.61 1.17
N CYS A 4 2.88 6.39 1.78
CA CYS A 4 1.89 5.48 1.22
C CYS A 4 1.56 5.85 -0.22
N CYS A 5 0.93 4.92 -0.94
CA CYS A 5 0.56 5.15 -2.32
C CYS A 5 -0.96 5.25 -2.47
N ILE A 6 -1.63 5.67 -1.41
CA ILE A 6 -3.08 5.81 -1.42
C ILE A 6 -3.54 6.91 -0.47
N CYS A 7 -3.35 6.67 0.84
CA CYS A 7 -3.74 7.65 1.84
C CYS A 7 -3.01 8.97 1.65
N MET A 8 -1.73 8.88 1.27
CA MET A 8 -0.93 10.08 1.04
C MET A 8 -0.70 10.84 2.35
N ASP A 9 -1.08 10.22 3.45
CA ASP A 9 -0.91 10.84 4.76
C ASP A 9 -0.78 9.79 5.86
N GLY A 10 0.20 8.90 5.70
CA GLY A 10 0.40 7.85 6.68
C GLY A 10 1.72 7.13 6.48
N ARG A 11 2.66 7.78 5.82
CA ARG A 11 3.97 7.21 5.56
C ARG A 11 3.84 5.85 4.88
N ALA A 12 4.96 5.15 4.74
CA ALA A 12 4.97 3.83 4.11
C ALA A 12 5.69 2.81 4.99
N ASP A 13 4.91 1.94 5.62
CA ASP A 13 5.47 0.90 6.48
C ASP A 13 5.89 -0.32 5.67
N LEU A 14 5.28 -0.48 4.51
CA LEU A 14 5.59 -1.62 3.64
C LEU A 14 5.98 -1.13 2.24
N ILE A 15 6.55 -2.04 1.45
CA ILE A 15 6.95 -1.70 0.08
C ILE A 15 6.92 -2.94 -0.81
N LEU A 16 5.86 -3.04 -1.62
CA LEU A 16 5.71 -4.16 -2.53
C LEU A 16 6.93 -4.31 -3.44
N PRO A 17 7.15 -5.53 -3.94
CA PRO A 17 8.28 -5.82 -4.83
C PRO A 17 8.12 -5.19 -6.20
N CYS A 18 7.03 -4.44 -6.38
CA CYS A 18 6.77 -3.78 -7.65
C CYS A 18 6.91 -2.27 -7.51
N ALA A 19 7.42 -1.83 -6.36
CA ALA A 19 7.62 -0.41 -6.10
C ALA A 19 6.30 0.26 -5.71
N HIS A 20 5.58 -0.35 -4.77
CA HIS A 20 4.32 0.19 -4.30
C HIS A 20 4.17 0.02 -2.80
N SER A 21 4.18 1.13 -2.07
CA SER A 21 4.05 1.10 -0.62
C SER A 21 2.58 1.07 -0.20
N PHE A 22 2.34 0.74 1.06
CA PHE A 22 0.98 0.68 1.59
C PHE A 22 0.98 0.72 3.11
N CYS A 23 0.89 1.92 3.67
CA CYS A 23 0.88 2.10 5.11
C CYS A 23 -0.07 1.12 5.78
N GLN A 24 -0.02 1.05 7.10
CA GLN A 24 -0.89 0.15 7.86
C GLN A 24 -2.35 0.57 7.73
N LYS A 25 -2.62 1.85 7.95
CA LYS A 25 -3.98 2.37 7.86
C LYS A 25 -4.76 1.65 6.77
N CYS A 26 -4.33 1.80 5.52
CA CYS A 26 -4.99 1.17 4.39
C CYS A 26 -4.86 -0.35 4.47
N ILE A 27 -3.64 -0.81 4.73
CA ILE A 27 -3.37 -2.25 4.84
C ILE A 27 -4.28 -2.91 5.88
N ASP A 28 -4.84 -2.08 6.76
CA ASP A 28 -5.72 -2.58 7.81
C ASP A 28 -7.18 -2.34 7.45
N LYS A 29 -7.44 -1.27 6.70
CA LYS A 29 -8.79 -0.92 6.28
C LYS A 29 -9.22 -1.76 5.08
N TRP A 30 -8.73 -1.38 3.90
CA TRP A 30 -9.06 -2.10 2.67
C TRP A 30 -9.11 -3.60 2.91
N SER A 31 -7.93 -4.20 3.06
CA SER A 31 -7.84 -5.64 3.29
C SER A 31 -8.88 -6.40 2.48
N ASP A 32 -8.64 -6.50 1.17
CA ASP A 32 -9.56 -7.21 0.28
C ASP A 32 -9.11 -8.65 0.06
N ARG A 33 -9.36 -9.50 1.04
CA ARG A 33 -8.98 -10.91 0.94
C ARG A 33 -7.48 -11.09 1.19
N HIS A 34 -6.67 -10.46 0.34
CA HIS A 34 -5.22 -10.54 0.47
C HIS A 34 -4.58 -9.16 0.33
N ARG A 35 -3.25 -9.12 0.42
CA ARG A 35 -2.52 -7.87 0.30
C ARG A 35 -2.03 -7.66 -1.13
N ASN A 36 -2.93 -7.86 -2.10
CA ASN A 36 -2.58 -7.70 -3.50
C ASN A 36 -2.24 -6.25 -3.82
N CYS A 37 -1.91 -5.99 -5.08
CA CYS A 37 -1.56 -4.63 -5.51
C CYS A 37 -2.65 -4.05 -6.40
N PRO A 38 -3.70 -3.51 -5.76
CA PRO A 38 -4.84 -2.92 -6.47
C PRO A 38 -4.46 -1.61 -7.15
N ILE A 39 -3.19 -1.24 -7.07
CA ILE A 39 -2.71 -0.01 -7.68
C ILE A 39 -2.14 -0.28 -9.08
N CYS A 40 -1.69 -1.50 -9.30
CA CYS A 40 -1.13 -1.89 -10.59
C CYS A 40 -2.23 -2.27 -11.57
N ARG A 41 -3.34 -2.77 -11.04
CA ARG A 41 -4.47 -3.17 -11.87
C ARG A 41 -4.87 -2.05 -12.83
N LEU A 42 -4.41 -0.84 -12.54
CA LEU A 42 -4.72 0.32 -13.36
C LEU A 42 -4.29 0.08 -14.81
N GLU A 1 12.18 9.20 3.80
CA GLU A 1 11.05 8.43 4.30
C GLU A 1 9.97 8.31 3.22
N GLU A 2 9.63 7.07 2.85
CA GLU A 2 8.61 6.82 1.84
C GLU A 2 7.22 7.05 2.40
N GLU A 3 6.27 7.36 1.52
CA GLU A 3 4.90 7.60 1.92
C GLU A 3 3.93 6.74 1.11
N CYS A 4 2.72 6.59 1.62
CA CYS A 4 1.70 5.80 0.95
C CYS A 4 1.29 6.43 -0.37
N CYS A 5 0.79 5.61 -1.29
CA CYS A 5 0.36 6.10 -2.61
C CYS A 5 -1.13 6.42 -2.61
N ILE A 6 -1.86 5.87 -1.64
CA ILE A 6 -3.29 6.10 -1.53
C ILE A 6 -3.62 7.03 -0.39
N CYS A 7 -2.80 6.98 0.66
CA CYS A 7 -3.00 7.83 1.83
C CYS A 7 -1.74 8.64 2.13
N MET A 8 -1.22 9.32 1.12
CA MET A 8 -0.03 10.14 1.28
C MET A 8 -0.15 11.06 2.49
N ASP A 9 0.29 10.57 3.65
CA ASP A 9 0.23 11.35 4.88
C ASP A 9 0.70 10.52 6.07
N GLY A 10 0.19 9.29 6.17
CA GLY A 10 0.56 8.41 7.26
C GLY A 10 1.87 7.69 7.00
N ARG A 11 2.63 8.18 6.03
CA ARG A 11 3.91 7.57 5.70
C ARG A 11 3.74 6.10 5.35
N ALA A 12 4.74 5.53 4.69
CA ALA A 12 4.69 4.12 4.30
C ALA A 12 5.49 3.27 5.27
N ASP A 13 4.95 2.09 5.61
CA ASP A 13 5.61 1.18 6.54
C ASP A 13 5.87 -0.17 5.87
N LEU A 14 5.48 -0.28 4.60
CA LEU A 14 5.68 -1.52 3.85
C LEU A 14 5.87 -1.23 2.37
N ILE A 15 6.80 -1.94 1.74
CA ILE A 15 7.07 -1.77 0.32
C ILE A 15 6.76 -3.04 -0.46
N LEU A 16 5.67 -3.02 -1.22
CA LEU A 16 5.27 -4.17 -2.02
C LEU A 16 6.32 -4.50 -3.07
N PRO A 17 6.32 -5.76 -3.52
CA PRO A 17 7.28 -6.23 -4.54
C PRO A 17 7.01 -5.63 -5.91
N CYS A 18 6.01 -4.75 -5.98
CA CYS A 18 5.65 -4.10 -7.24
C CYS A 18 6.10 -2.64 -7.25
N ALA A 19 6.83 -2.25 -6.21
CA ALA A 19 7.34 -0.89 -6.10
C ALA A 19 6.23 0.07 -5.67
N HIS A 20 5.33 -0.42 -4.82
CA HIS A 20 4.21 0.40 -4.34
C HIS A 20 4.07 0.27 -2.83
N SER A 21 4.19 1.38 -2.12
CA SER A 21 4.06 1.40 -0.67
C SER A 21 2.61 1.42 -0.24
N PHE A 22 2.34 1.04 1.01
CA PHE A 22 1.00 1.02 1.54
C PHE A 22 1.00 1.01 3.06
N CYS A 23 0.70 2.16 3.66
CA CYS A 23 0.67 2.28 5.11
C CYS A 23 -0.26 1.25 5.73
N GLN A 24 -0.06 0.97 7.01
CA GLN A 24 -0.88 0.00 7.72
C GLN A 24 -2.36 0.37 7.65
N LYS A 25 -2.64 1.67 7.69
CA LYS A 25 -4.00 2.17 7.63
C LYS A 25 -4.80 1.44 6.55
N CYS A 26 -4.47 1.69 5.29
CA CYS A 26 -5.14 1.05 4.18
C CYS A 26 -4.89 -0.46 4.17
N ILE A 27 -3.63 -0.84 4.29
CA ILE A 27 -3.25 -2.24 4.31
C ILE A 27 -4.18 -3.05 5.21
N ASP A 28 -4.73 -2.39 6.21
CA ASP A 28 -5.65 -3.04 7.15
C ASP A 28 -7.04 -3.19 6.54
N LYS A 29 -7.49 -2.16 5.83
CA LYS A 29 -8.80 -2.17 5.20
C LYS A 29 -8.86 -3.23 4.11
N TRP A 30 -8.13 -3.00 3.02
CA TRP A 30 -8.10 -3.94 1.90
C TRP A 30 -7.18 -5.12 2.21
N SER A 31 -7.61 -6.32 1.82
CA SER A 31 -6.83 -7.52 2.06
C SER A 31 -7.45 -8.71 1.35
N ASP A 32 -6.66 -9.77 1.18
CA ASP A 32 -7.14 -10.99 0.52
C ASP A 32 -6.15 -12.13 0.70
N ARG A 33 -6.40 -13.24 0.01
CA ARG A 33 -5.52 -14.40 0.10
C ARG A 33 -4.20 -14.15 -0.63
N HIS A 34 -4.14 -13.05 -1.37
CA HIS A 34 -2.94 -12.70 -2.12
C HIS A 34 -2.60 -11.22 -1.92
N ARG A 35 -1.56 -10.76 -2.62
CA ARG A 35 -1.14 -9.37 -2.53
C ARG A 35 -1.43 -8.62 -3.82
N ASN A 36 -2.66 -8.75 -4.30
CA ASN A 36 -3.08 -8.08 -5.53
C ASN A 36 -3.16 -6.58 -5.33
N CYS A 37 -2.01 -5.91 -5.33
CA CYS A 37 -1.95 -4.47 -5.15
C CYS A 37 -3.01 -3.77 -6.01
N PRO A 38 -3.58 -2.68 -5.48
CA PRO A 38 -4.61 -1.91 -6.19
C PRO A 38 -4.04 -1.14 -7.38
N ILE A 39 -2.95 -0.40 -7.14
CA ILE A 39 -2.31 0.38 -8.19
C ILE A 39 -1.97 -0.50 -9.39
N CYS A 40 -1.69 -1.76 -9.13
CA CYS A 40 -1.35 -2.72 -10.18
C CYS A 40 -2.59 -3.19 -10.92
N ARG A 41 -3.74 -3.10 -10.26
CA ARG A 41 -5.00 -3.51 -10.86
C ARG A 41 -5.51 -2.46 -11.84
N LEU A 42 -5.01 -1.23 -11.70
CA LEU A 42 -5.41 -0.14 -12.58
C LEU A 42 -4.98 -0.42 -14.01
N GLU A 1 12.37 6.95 4.47
CA GLU A 1 11.41 8.03 4.68
C GLU A 1 10.35 8.05 3.58
N GLU A 2 9.79 6.88 3.30
CA GLU A 2 8.76 6.76 2.27
C GLU A 2 7.38 7.08 2.83
N GLU A 3 6.43 7.35 1.94
CA GLU A 3 5.07 7.66 2.34
C GLU A 3 4.05 6.90 1.50
N CYS A 4 2.95 6.49 2.14
CA CYS A 4 1.90 5.75 1.45
C CYS A 4 1.63 6.35 0.07
N CYS A 5 1.18 5.51 -0.85
CA CYS A 5 0.87 5.95 -2.21
C CYS A 5 -0.61 6.27 -2.36
N ILE A 6 -1.45 5.46 -1.73
CA ILE A 6 -2.89 5.65 -1.78
C ILE A 6 -3.32 6.88 -1.00
N CYS A 7 -3.22 6.80 0.32
CA CYS A 7 -3.59 7.91 1.19
C CYS A 7 -2.45 8.92 1.30
N MET A 8 -1.22 8.43 1.19
CA MET A 8 -0.04 9.29 1.27
C MET A 8 -0.25 10.39 2.31
N ASP A 9 -0.69 9.99 3.50
CA ASP A 9 -0.93 10.94 4.58
C ASP A 9 -0.32 10.42 5.89
N GLY A 10 0.97 10.15 5.86
CA GLY A 10 1.65 9.66 7.05
C GLY A 10 3.03 9.12 6.75
N ARG A 11 3.14 7.79 6.65
CA ARG A 11 4.42 7.15 6.38
C ARG A 11 4.21 5.83 5.63
N ALA A 12 5.29 5.26 5.12
CA ALA A 12 5.22 4.00 4.39
C ALA A 12 6.05 2.92 5.09
N ASP A 13 5.38 2.01 5.77
CA ASP A 13 6.05 0.92 6.47
C ASP A 13 6.14 -0.32 5.61
N LEU A 14 5.24 -0.41 4.62
CA LEU A 14 5.22 -1.55 3.71
C LEU A 14 5.42 -1.11 2.26
N ILE A 15 6.42 -1.68 1.60
CA ILE A 15 6.70 -1.35 0.22
C ILE A 15 6.61 -2.58 -0.67
N LEU A 16 5.40 -2.90 -1.11
CA LEU A 16 5.17 -4.05 -1.98
C LEU A 16 6.28 -4.17 -3.03
N PRO A 17 6.49 -5.40 -3.53
CA PRO A 17 7.52 -5.67 -4.54
C PRO A 17 7.15 -5.08 -5.90
N CYS A 18 6.03 -4.37 -5.95
CA CYS A 18 5.58 -3.74 -7.18
C CYS A 18 5.89 -2.25 -7.19
N ALA A 19 6.47 -1.77 -6.10
CA ALA A 19 6.83 -0.36 -5.98
C ALA A 19 5.61 0.48 -5.63
N HIS A 20 4.87 0.07 -4.59
CA HIS A 20 3.68 0.78 -4.15
C HIS A 20 3.51 0.68 -2.65
N SER A 21 3.82 1.77 -1.94
CA SER A 21 3.70 1.80 -0.49
C SER A 21 2.24 1.65 -0.06
N PHE A 22 2.05 1.18 1.17
CA PHE A 22 0.69 0.99 1.70
C PHE A 22 0.72 0.94 3.23
N CYS A 23 0.64 2.11 3.85
CA CYS A 23 0.65 2.20 5.30
C CYS A 23 -0.23 1.14 5.92
N GLN A 24 0.20 0.59 7.05
CA GLN A 24 -0.55 -0.45 7.75
C GLN A 24 -2.05 -0.22 7.61
N LYS A 25 -2.52 0.92 8.08
CA LYS A 25 -3.94 1.26 8.00
C LYS A 25 -4.53 0.81 6.68
N CYS A 26 -4.03 1.36 5.59
CA CYS A 26 -4.51 0.99 4.26
C CYS A 26 -4.46 -0.52 4.05
N ILE A 27 -3.33 -1.12 4.41
CA ILE A 27 -3.15 -2.55 4.26
C ILE A 27 -4.27 -3.32 4.95
N ASP A 28 -4.82 -2.73 6.01
CA ASP A 28 -5.91 -3.35 6.75
C ASP A 28 -7.26 -2.93 6.21
N LYS A 29 -7.33 -1.71 5.69
CA LYS A 29 -8.57 -1.17 5.14
C LYS A 29 -8.84 -1.74 3.75
N TRP A 30 -7.92 -1.47 2.82
CA TRP A 30 -8.05 -1.95 1.44
C TRP A 30 -7.65 -3.42 1.35
N SER A 31 -8.47 -4.29 1.93
CA SER A 31 -8.19 -5.73 1.92
C SER A 31 -8.69 -6.36 0.62
N ASP A 32 -8.10 -7.49 0.25
CA ASP A 32 -8.48 -8.20 -0.96
C ASP A 32 -8.04 -9.66 -0.91
N ARG A 33 -8.71 -10.50 -1.69
CA ARG A 33 -8.39 -11.92 -1.73
C ARG A 33 -6.94 -12.15 -2.14
N HIS A 34 -6.41 -11.22 -2.93
CA HIS A 34 -5.03 -11.32 -3.40
C HIS A 34 -4.17 -10.22 -2.80
N ARG A 35 -3.02 -10.60 -2.25
CA ARG A 35 -2.11 -9.65 -1.63
C ARG A 35 -1.33 -8.86 -2.70
N ASN A 36 -1.69 -9.10 -3.96
CA ASN A 36 -1.03 -8.43 -5.08
C ASN A 36 -0.97 -6.92 -4.85
N CYS A 37 -1.98 -6.22 -5.36
CA CYS A 37 -2.05 -4.77 -5.22
C CYS A 37 -3.19 -4.20 -6.06
N PRO A 38 -3.85 -3.16 -5.53
CA PRO A 38 -4.96 -2.50 -6.23
C PRO A 38 -4.49 -1.70 -7.45
N ILE A 39 -3.41 -0.96 -7.28
CA ILE A 39 -2.86 -0.16 -8.38
C ILE A 39 -2.54 -1.03 -9.59
N CYS A 40 -1.55 -1.90 -9.44
CA CYS A 40 -1.15 -2.79 -10.53
C CYS A 40 -2.36 -3.56 -11.08
N ARG A 41 -3.44 -3.57 -10.32
CA ARG A 41 -4.66 -4.25 -10.73
C ARG A 41 -5.46 -3.40 -11.70
N LEU A 42 -5.34 -2.09 -11.57
CA LEU A 42 -6.06 -1.16 -12.44
C LEU A 42 -5.42 -1.10 -13.82
N GLU A 1 12.63 7.33 2.37
CA GLU A 1 11.80 8.52 2.30
C GLU A 1 10.62 8.30 1.35
N GLU A 2 9.90 7.20 1.55
CA GLU A 2 8.75 6.87 0.72
C GLU A 2 7.44 7.22 1.43
N GLU A 3 6.34 7.16 0.70
CA GLU A 3 5.04 7.47 1.26
C GLU A 3 3.97 6.53 0.68
N CYS A 4 2.83 6.45 1.38
CA CYS A 4 1.73 5.59 0.95
C CYS A 4 1.26 5.99 -0.45
N CYS A 5 1.03 4.99 -1.29
CA CYS A 5 0.57 5.23 -2.66
C CYS A 5 -0.95 5.31 -2.72
N ILE A 6 -1.53 5.94 -1.70
CA ILE A 6 -2.99 6.09 -1.63
C ILE A 6 -3.38 7.32 -0.82
N CYS A 7 -3.35 7.18 0.50
CA CYS A 7 -3.70 8.28 1.39
C CYS A 7 -2.65 9.40 1.31
N MET A 8 -1.38 9.02 1.27
CA MET A 8 -0.30 9.99 1.19
C MET A 8 -0.31 10.92 2.40
N ASP A 9 -0.28 10.34 3.59
CA ASP A 9 -0.28 11.12 4.82
C ASP A 9 -0.08 10.22 6.04
N GLY A 10 0.61 9.10 5.83
CA GLY A 10 0.87 8.18 6.91
C GLY A 10 2.14 7.40 6.73
N ARG A 11 3.06 7.93 5.93
CA ARG A 11 4.34 7.28 5.67
C ARG A 11 4.12 5.89 5.08
N ALA A 12 5.20 5.27 4.62
CA ALA A 12 5.13 3.93 4.04
C ALA A 12 5.86 2.91 4.92
N ASP A 13 5.09 2.00 5.49
CA ASP A 13 5.65 0.96 6.35
C ASP A 13 5.68 -0.39 5.63
N LEU A 14 4.98 -0.46 4.51
CA LEU A 14 4.93 -1.71 3.73
C LEU A 14 5.15 -1.42 2.25
N ILE A 15 6.40 -1.57 1.81
CA ILE A 15 6.75 -1.33 0.41
C ILE A 15 6.67 -2.62 -0.40
N LEU A 16 5.54 -2.84 -1.05
CA LEU A 16 5.33 -4.03 -1.86
C LEU A 16 6.46 -4.20 -2.88
N PRO A 17 6.68 -5.44 -3.33
CA PRO A 17 7.73 -5.76 -4.31
C PRO A 17 7.40 -5.22 -5.69
N CYS A 18 6.29 -4.50 -5.79
CA CYS A 18 5.87 -3.92 -7.06
C CYS A 18 6.10 -2.42 -7.08
N ALA A 19 6.73 -1.91 -6.03
CA ALA A 19 7.02 -0.48 -5.92
C ALA A 19 5.77 0.30 -5.57
N HIS A 20 4.94 -0.28 -4.70
CA HIS A 20 3.71 0.37 -4.27
C HIS A 20 3.54 0.27 -2.76
N SER A 21 3.81 1.37 -2.07
CA SER A 21 3.69 1.41 -0.61
C SER A 21 2.23 1.43 -0.19
N PHE A 22 1.98 1.03 1.06
CA PHE A 22 0.62 0.99 1.58
C PHE A 22 0.63 0.99 3.12
N CYS A 23 0.68 2.17 3.71
CA CYS A 23 0.69 2.30 5.17
C CYS A 23 -0.22 1.26 5.81
N GLN A 24 0.23 0.71 6.94
CA GLN A 24 -0.56 -0.28 7.65
C GLN A 24 -2.05 0.03 7.58
N LYS A 25 -2.41 1.24 8.00
CA LYS A 25 -3.80 1.67 7.99
C LYS A 25 -4.52 1.13 6.75
N CYS A 26 -4.15 1.65 5.58
CA CYS A 26 -4.75 1.23 4.33
C CYS A 26 -4.64 -0.29 4.15
N ILE A 27 -3.60 -0.87 4.74
CA ILE A 27 -3.38 -2.31 4.65
C ILE A 27 -4.42 -3.07 5.45
N ASP A 28 -4.96 -2.43 6.48
CA ASP A 28 -5.97 -3.05 7.33
C ASP A 28 -7.29 -3.20 6.58
N LYS A 29 -7.65 -2.17 5.81
CA LYS A 29 -8.88 -2.19 5.04
C LYS A 29 -8.67 -2.83 3.67
N TRP A 30 -7.72 -2.29 2.92
CA TRP A 30 -7.42 -2.80 1.59
C TRP A 30 -6.30 -3.85 1.65
N SER A 31 -6.18 -4.64 0.59
CA SER A 31 -5.16 -5.68 0.53
C SER A 31 -5.47 -6.80 1.52
N ASP A 32 -6.01 -7.90 1.00
CA ASP A 32 -6.35 -9.05 1.83
C ASP A 32 -6.60 -10.29 0.98
N ARG A 33 -6.83 -11.42 1.64
CA ARG A 33 -7.06 -12.67 0.94
C ARG A 33 -5.94 -12.96 -0.06
N HIS A 34 -6.13 -12.52 -1.30
CA HIS A 34 -5.14 -12.73 -2.35
C HIS A 34 -3.87 -11.92 -2.06
N ARG A 35 -4.02 -10.85 -1.28
CA ARG A 35 -2.89 -10.00 -0.94
C ARG A 35 -2.46 -9.16 -2.14
N ASN A 36 -3.25 -9.20 -3.20
CA ASN A 36 -2.96 -8.44 -4.42
C ASN A 36 -2.84 -6.95 -4.12
N CYS A 37 -2.26 -6.21 -5.04
CA CYS A 37 -2.10 -4.77 -4.87
C CYS A 37 -3.13 -4.00 -5.70
N PRO A 38 -3.64 -2.90 -5.12
CA PRO A 38 -4.65 -2.05 -5.78
C PRO A 38 -4.07 -1.29 -6.97
N ILE A 39 -2.95 -0.61 -6.75
CA ILE A 39 -2.30 0.16 -7.80
C ILE A 39 -2.09 -0.69 -9.06
N CYS A 40 -1.30 -1.75 -8.91
CA CYS A 40 -1.03 -2.65 -10.03
C CYS A 40 -2.24 -2.76 -10.94
N ARG A 41 -3.42 -2.71 -10.36
CA ARG A 41 -4.66 -2.81 -11.13
C ARG A 41 -5.11 -1.44 -11.61
N LEU A 42 -5.06 -0.46 -10.71
CA LEU A 42 -5.47 0.91 -11.05
C LEU A 42 -6.86 0.92 -11.67
N GLU A 1 12.89 4.76 2.60
CA GLU A 1 12.06 5.83 3.15
C GLU A 1 11.09 6.36 2.10
N GLU A 2 9.80 6.18 2.36
CA GLU A 2 8.76 6.64 1.43
C GLU A 2 7.44 6.87 2.15
N GLU A 3 6.43 7.30 1.41
CA GLU A 3 5.12 7.56 1.99
C GLU A 3 4.04 6.84 1.20
N CYS A 4 3.01 6.36 1.91
CA CYS A 4 1.91 5.65 1.27
C CYS A 4 1.60 6.25 -0.09
N CYS A 5 1.03 5.43 -0.98
CA CYS A 5 0.69 5.86 -2.32
C CYS A 5 -0.82 6.07 -2.45
N ILE A 6 -1.57 5.51 -1.50
CA ILE A 6 -3.02 5.63 -1.52
C ILE A 6 -3.48 6.81 -0.66
N CYS A 7 -3.11 6.80 0.61
CA CYS A 7 -3.48 7.86 1.54
C CYS A 7 -2.51 9.03 1.44
N MET A 8 -1.29 8.74 0.98
CA MET A 8 -0.26 9.77 0.84
C MET A 8 -0.19 10.64 2.09
N ASP A 9 -0.44 10.04 3.24
CA ASP A 9 -0.41 10.76 4.50
C ASP A 9 -0.30 9.79 5.68
N GLY A 10 0.47 8.73 5.51
CA GLY A 10 0.64 7.75 6.56
C GLY A 10 1.96 7.00 6.44
N ARG A 11 2.92 7.61 5.77
CA ARG A 11 4.23 6.99 5.59
C ARG A 11 4.11 5.62 4.93
N ALA A 12 5.24 4.96 4.74
CA ALA A 12 5.26 3.64 4.12
C ALA A 12 5.99 2.63 5.00
N ASP A 13 5.23 1.72 5.59
CA ASP A 13 5.81 0.70 6.47
C ASP A 13 5.96 -0.63 5.72
N LEU A 14 5.20 -0.79 4.64
CA LEU A 14 5.25 -2.00 3.84
C LEU A 14 5.19 -1.68 2.35
N ILE A 15 6.35 -1.67 1.71
CA ILE A 15 6.43 -1.38 0.28
C ILE A 15 6.48 -2.66 -0.54
N LEU A 16 5.64 -2.73 -1.57
CA LEU A 16 5.58 -3.91 -2.43
C LEU A 16 6.82 -3.97 -3.32
N PRO A 17 7.15 -5.19 -3.79
CA PRO A 17 8.31 -5.41 -4.66
C PRO A 17 8.10 -4.84 -6.05
N CYS A 18 6.96 -4.19 -6.26
CA CYS A 18 6.65 -3.59 -7.54
C CYS A 18 6.62 -2.06 -7.45
N ALA A 19 7.12 -1.55 -6.33
CA ALA A 19 7.16 -0.11 -6.11
C ALA A 19 5.77 0.44 -5.78
N HIS A 20 5.22 -0.03 -4.66
CA HIS A 20 3.89 0.41 -4.23
C HIS A 20 3.76 0.32 -2.71
N SER A 21 3.79 1.46 -2.05
CA SER A 21 3.68 1.51 -0.59
C SER A 21 2.22 1.37 -0.16
N PHE A 22 2.01 1.04 1.11
CA PHE A 22 0.66 0.87 1.65
C PHE A 22 0.68 0.93 3.17
N CYS A 23 0.59 2.14 3.72
CA CYS A 23 0.60 2.33 5.16
C CYS A 23 -0.41 1.41 5.84
N GLN A 24 0.00 0.79 6.95
CA GLN A 24 -0.87 -0.12 7.68
C GLN A 24 -2.30 0.41 7.73
N LYS A 25 -2.43 1.71 7.99
CA LYS A 25 -3.74 2.35 8.06
C LYS A 25 -4.68 1.78 7.00
N CYS A 26 -4.32 1.95 5.74
CA CYS A 26 -5.14 1.46 4.64
C CYS A 26 -5.04 -0.06 4.53
N ILE A 27 -3.83 -0.58 4.69
CA ILE A 27 -3.59 -2.01 4.61
C ILE A 27 -4.49 -2.77 5.58
N ASP A 28 -5.01 -2.06 6.57
CA ASP A 28 -5.90 -2.65 7.57
C ASP A 28 -7.36 -2.53 7.15
N LYS A 29 -7.69 -1.41 6.52
CA LYS A 29 -9.06 -1.17 6.07
C LYS A 29 -9.39 -2.02 4.84
N TRP A 30 -8.38 -2.27 4.02
CA TRP A 30 -8.56 -3.07 2.81
C TRP A 30 -8.39 -4.55 3.12
N SER A 31 -8.45 -5.38 2.09
CA SER A 31 -8.31 -6.83 2.25
C SER A 31 -7.15 -7.15 3.18
N ASP A 32 -7.37 -8.13 4.06
CA ASP A 32 -6.35 -8.54 5.01
C ASP A 32 -5.04 -8.90 4.28
N ARG A 33 -4.06 -9.37 5.03
CA ARG A 33 -2.77 -9.75 4.47
C ARG A 33 -2.95 -10.78 3.36
N HIS A 34 -3.18 -10.29 2.15
CA HIS A 34 -3.36 -11.18 0.99
C HIS A 34 -2.18 -11.09 0.05
N ARG A 35 -1.38 -10.03 0.19
CA ARG A 35 -0.21 -9.84 -0.65
C ARG A 35 -0.62 -9.56 -2.09
N ASN A 36 -1.44 -8.53 -2.28
CA ASN A 36 -1.90 -8.16 -3.62
C ASN A 36 -1.47 -6.74 -3.96
N CYS A 37 -2.01 -6.22 -5.06
CA CYS A 37 -1.68 -4.86 -5.51
C CYS A 37 -2.81 -4.30 -6.38
N PRO A 38 -3.84 -3.75 -5.72
CA PRO A 38 -4.99 -3.16 -6.41
C PRO A 38 -4.62 -1.86 -7.13
N ILE A 39 -3.36 -1.46 -7.02
CA ILE A 39 -2.89 -0.24 -7.67
C ILE A 39 -2.23 -0.55 -9.01
N CYS A 40 -1.60 -1.71 -9.10
CA CYS A 40 -0.93 -2.12 -10.33
C CYS A 40 -1.95 -2.39 -11.43
N ARG A 41 -3.13 -2.85 -11.05
CA ARG A 41 -4.19 -3.15 -12.01
C ARG A 41 -4.18 -2.15 -13.16
N LEU A 42 -4.03 -0.87 -12.84
CA LEU A 42 -4.00 0.18 -13.85
C LEU A 42 -2.62 0.83 -13.91
#